data_3MUE
#
_entry.id   3MUE
#
_cell.length_a   158.226
_cell.length_b   134.923
_cell.length_c   93.923
_cell.angle_alpha   90.00
_cell.angle_beta   93.96
_cell.angle_gamma   90.00
#
_symmetry.space_group_name_H-M   'C 1 2 1'
#
loop_
_entity.id
_entity.type
_entity.pdbx_description
1 polymer 'Pantothenate synthetase'
2 non-polymer GLYCEROL
3 non-polymer ETHANOL
4 non-polymer 'SULFATE ION'
5 non-polymer 'ACETIC ACID'
6 water water
#
_entity_poly.entity_id   1
_entity_poly.type   'polypeptide(L)'
_entity_poly.pdbx_seq_one_letter_code
;SNAMLIIETLPLLRQHIRRLRQEGKRVALVPTMGNLHDGHMKLVDEAKARADVVIVSIFVNPMQFDRPDDLVRYPRTLQE
DCEKLNKRKVDYVFAPAVEEIYPHGLEGQTYVDVPGLSTMLEGASRPGHFRGVSTIVSKLFNLIQPDIACFGEKDFQQLA
LIRKMVADMSYDIEIVGVPIIRAKDGLALSSRNAYLTAEQRKIAPGLYNVMNSIAEKLIAGNRELQEIIAIAEQELNEKG
FRADDIQIRDADTLLELTETSKRAVILAAAWLGQARLIDNQSVTLAQ
;
_entity_poly.pdbx_strand_id   A,B,C,D
#
# COMPACT_ATOMS: atom_id res chain seq x y z
N ALA A 3 29.30 -6.50 -13.36
CA ALA A 3 30.64 -6.62 -12.79
C ALA A 3 30.74 -6.00 -11.37
N MET A 4 30.75 -6.88 -10.39
CA MET A 4 30.90 -6.53 -8.99
C MET A 4 32.03 -5.54 -8.78
N LEU A 5 31.79 -4.58 -7.90
CA LEU A 5 32.80 -3.59 -7.52
C LEU A 5 33.31 -3.86 -6.09
N ILE A 6 34.63 -3.93 -5.90
CA ILE A 6 35.19 -4.12 -4.57
C ILE A 6 35.90 -2.87 -4.07
N ILE A 7 35.35 -2.28 -2.99
CA ILE A 7 35.84 -1.01 -2.39
C ILE A 7 36.34 -1.24 -0.98
N GLU A 8 37.45 -0.56 -0.61
CA GLU A 8 38.01 -0.74 0.73
C GLU A 8 38.18 0.55 1.57
N THR A 9 37.83 1.69 1.00
CA THR A 9 37.96 2.93 1.77
C THR A 9 36.67 3.72 1.84
N LEU A 10 36.54 4.46 2.92
CA LEU A 10 35.34 5.21 3.19
C LEU A 10 35.04 6.25 2.12
N PRO A 11 36.05 7.01 1.70
CA PRO A 11 35.75 8.05 0.69
C PRO A 11 35.26 7.51 -0.65
N LEU A 12 35.90 6.45 -1.16
CA LEU A 12 35.46 5.89 -2.43
C LEU A 12 34.00 5.48 -2.28
N LEU A 13 33.72 4.69 -1.25
CA LEU A 13 32.39 4.16 -1.12
C LEU A 13 31.36 5.29 -1.06
N ARG A 14 31.65 6.32 -0.28
CA ARG A 14 30.69 7.37 -0.02
C ARG A 14 30.34 8.00 -1.36
N GLN A 15 31.35 8.19 -2.19
CA GLN A 15 31.20 8.70 -3.53
C GLN A 15 30.13 7.92 -4.32
N HIS A 16 30.29 6.61 -4.38
CA HIS A 16 29.23 5.71 -4.89
C HIS A 16 27.85 5.84 -4.18
N ILE A 17 27.85 5.95 -2.85
CA ILE A 17 26.59 6.08 -2.14
C ILE A 17 25.87 7.35 -2.61
N ARG A 18 26.63 8.42 -2.80
CA ARG A 18 26.08 9.67 -3.32
C ARG A 18 25.45 9.50 -4.71
N ARG A 19 26.19 8.87 -5.62
CA ARG A 19 25.74 8.61 -6.98
C ARG A 19 24.49 7.76 -7.03
N LEU A 20 24.45 6.72 -6.21
CA LEU A 20 23.31 5.84 -6.14
C LEU A 20 22.01 6.61 -5.73
N ARG A 21 22.16 7.60 -4.84
CA ARG A 21 21.04 8.46 -4.48
C ARG A 21 20.57 9.21 -5.72
N GLN A 22 21.48 9.95 -6.36
CA GLN A 22 21.12 10.74 -7.53
C GLN A 22 20.50 9.87 -8.59
N GLU A 23 20.91 8.61 -8.66
CA GLU A 23 20.34 7.71 -9.66
C GLU A 23 19.00 7.14 -9.21
N GLY A 24 18.65 7.39 -7.95
CA GLY A 24 17.33 7.03 -7.49
C GLY A 24 17.15 5.56 -7.25
N LYS A 25 18.25 4.88 -6.90
CA LYS A 25 18.20 3.42 -6.71
C LYS A 25 18.03 3.02 -5.24
N ARG A 26 17.17 2.04 -5.02
N ARG A 26 17.13 2.07 -5.00
CA ARG A 26 16.84 1.53 -3.67
CA ARG A 26 16.87 1.54 -3.66
C ARG A 26 17.90 0.50 -3.27
C ARG A 26 17.96 0.54 -3.29
N VAL A 27 18.48 0.68 -2.09
CA VAL A 27 19.69 -0.07 -1.71
C VAL A 27 19.58 -1.04 -0.52
N ALA A 28 20.13 -2.25 -0.69
CA ALA A 28 20.17 -3.20 0.42
C ALA A 28 21.56 -3.52 0.89
N LEU A 29 21.75 -3.53 2.20
CA LEU A 29 23.00 -3.88 2.81
C LEU A 29 22.91 -5.22 3.54
N VAL A 30 23.83 -6.12 3.22
CA VAL A 30 24.05 -7.34 4.00
C VAL A 30 25.38 -7.29 4.73
N PRO A 31 25.35 -7.03 6.03
CA PRO A 31 26.58 -6.92 6.84
C PRO A 31 27.17 -8.29 7.23
N THR A 32 28.47 -8.50 7.03
CA THR A 32 29.07 -9.79 7.40
C THR A 32 30.51 -9.68 7.87
N MET A 33 31.02 -10.79 8.37
CA MET A 33 32.44 -10.86 8.75
C MET A 33 33.24 -11.86 7.89
N GLY A 34 32.80 -12.05 6.65
CA GLY A 34 33.58 -12.77 5.67
C GLY A 34 33.55 -14.25 5.96
N ASN A 35 34.33 -15.02 5.21
CA ASN A 35 34.33 -16.47 5.36
C ASN A 35 32.92 -16.96 5.16
N LEU A 36 32.36 -16.63 4.01
CA LEU A 36 30.94 -16.75 3.71
C LEU A 36 30.55 -18.13 3.24
N HIS A 37 29.30 -18.49 3.46
CA HIS A 37 28.80 -19.78 3.01
C HIS A 37 27.33 -19.66 2.67
N ASP A 38 26.68 -20.78 2.34
CA ASP A 38 25.27 -20.84 1.98
C ASP A 38 24.32 -19.94 2.78
N GLY A 39 24.51 -19.84 4.09
CA GLY A 39 23.68 -18.94 4.88
C GLY A 39 23.66 -17.52 4.32
N HIS A 40 24.84 -16.98 4.14
CA HIS A 40 25.00 -15.64 3.64
C HIS A 40 24.42 -15.48 2.24
N MET A 41 24.67 -16.44 1.37
CA MET A 41 24.08 -16.41 0.03
C MET A 41 22.55 -16.23 0.08
N LYS A 42 21.88 -16.81 1.08
CA LYS A 42 20.43 -16.69 1.13
C LYS A 42 20.06 -15.26 1.44
N LEU A 43 20.78 -14.70 2.42
CA LEU A 43 20.70 -13.29 2.76
C LEU A 43 20.82 -12.42 1.48
N VAL A 44 21.81 -12.75 0.66
CA VAL A 44 22.05 -11.99 -0.54
C VAL A 44 20.89 -12.13 -1.50
N ASP A 45 20.31 -13.32 -1.58
CA ASP A 45 19.15 -13.51 -2.46
C ASP A 45 18.02 -12.60 -1.99
N GLU A 46 17.80 -12.61 -0.68
CA GLU A 46 16.71 -11.87 -0.06
C GLU A 46 16.87 -10.37 -0.30
N ALA A 47 18.09 -9.89 -0.22
CA ALA A 47 18.38 -8.49 -0.48
C ALA A 47 18.18 -8.16 -1.94
N LYS A 48 18.67 -9.01 -2.83
CA LYS A 48 18.48 -8.77 -4.27
C LYS A 48 16.99 -8.70 -4.63
N ALA A 49 16.20 -9.52 -3.97
CA ALA A 49 14.75 -9.56 -4.21
C ALA A 49 14.00 -8.30 -3.80
N ARG A 50 14.59 -7.46 -2.96
CA ARG A 50 13.90 -6.32 -2.34
C ARG A 50 14.56 -4.96 -2.62
N ALA A 51 15.62 -4.93 -3.42
CA ALA A 51 16.22 -3.63 -3.69
C ALA A 51 16.73 -3.62 -5.12
N ASP A 52 17.19 -2.47 -5.61
CA ASP A 52 17.77 -2.43 -6.96
C ASP A 52 19.23 -2.83 -6.92
N VAL A 53 19.86 -2.55 -5.79
CA VAL A 53 21.29 -2.71 -5.67
C VAL A 53 21.58 -3.34 -4.33
N VAL A 54 22.55 -4.25 -4.33
CA VAL A 54 22.97 -4.94 -3.13
C VAL A 54 24.43 -4.70 -2.85
N ILE A 55 24.70 -4.28 -1.61
CA ILE A 55 26.04 -4.06 -1.12
C ILE A 55 26.35 -5.04 0.02
N VAL A 56 27.41 -5.83 -0.12
CA VAL A 56 27.79 -6.71 0.98
C VAL A 56 29.10 -6.22 1.62
N SER A 57 29.10 -6.10 2.93
CA SER A 57 30.35 -5.76 3.64
C SER A 57 30.97 -6.97 4.28
N ILE A 58 32.29 -6.98 4.23
CA ILE A 58 33.07 -8.04 4.80
C ILE A 58 34.04 -7.34 5.74
N PHE A 59 33.83 -7.52 7.04
CA PHE A 59 34.73 -6.87 8.02
C PHE A 59 34.88 -7.66 9.29
N VAL A 60 36.07 -8.16 9.54
CA VAL A 60 36.24 -8.84 10.81
C VAL A 60 36.38 -7.77 11.91
N ASN A 61 35.35 -7.63 12.74
CA ASN A 61 35.27 -6.41 13.58
C ASN A 61 35.83 -6.56 15.01
N PRO A 62 37.07 -6.09 15.20
CA PRO A 62 37.80 -6.29 16.46
C PRO A 62 36.93 -5.97 17.67
N MET A 63 36.16 -4.90 17.58
CA MET A 63 35.34 -4.44 18.70
C MET A 63 34.38 -5.48 19.27
N GLN A 64 33.86 -6.37 18.43
CA GLN A 64 32.91 -7.35 18.94
C GLN A 64 33.59 -8.63 19.39
N PHE A 65 34.92 -8.69 19.31
CA PHE A 65 35.66 -9.87 19.74
C PHE A 65 36.05 -9.81 21.19
N ASP A 66 35.30 -10.58 21.99
CA ASP A 66 35.49 -10.84 23.41
C ASP A 66 36.89 -11.08 23.95
N ARG A 67 37.65 -11.90 23.23
CA ARG A 67 39.01 -12.28 23.62
C ARG A 67 39.96 -12.20 22.44
N PRO A 68 41.16 -11.70 22.69
CA PRO A 68 42.15 -11.43 21.65
C PRO A 68 42.58 -12.63 20.82
N ASP A 69 42.46 -13.84 21.35
CA ASP A 69 42.87 -15.03 20.61
C ASP A 69 41.90 -15.28 19.48
N ASP A 70 40.63 -15.47 19.83
CA ASP A 70 39.59 -15.64 18.84
C ASP A 70 39.80 -14.78 17.62
N LEU A 71 40.11 -13.50 17.86
CA LEU A 71 40.35 -12.55 16.79
C LEU A 71 41.42 -13.03 15.82
N VAL A 72 42.61 -13.31 16.34
CA VAL A 72 43.74 -13.71 15.51
C VAL A 72 43.38 -14.87 14.62
N ARG A 73 42.57 -15.78 15.14
CA ARG A 73 42.29 -17.06 14.51
C ARG A 73 40.95 -17.10 13.76
N TYR A 74 40.38 -15.92 13.52
CA TYR A 74 39.20 -15.86 12.67
C TYR A 74 39.61 -15.98 11.22
N PRO A 75 38.91 -16.86 10.51
CA PRO A 75 39.25 -17.14 9.11
C PRO A 75 39.09 -15.91 8.24
N ARG A 76 40.13 -15.62 7.48
CA ARG A 76 40.05 -14.63 6.43
C ARG A 76 40.19 -15.30 5.04
N THR A 77 39.25 -14.99 4.15
CA THR A 77 39.11 -15.70 2.88
C THR A 77 38.54 -14.77 1.81
N LEU A 78 39.12 -13.58 1.71
CA LEU A 78 38.56 -12.57 0.81
C LEU A 78 38.29 -13.11 -0.59
N GLN A 79 39.26 -13.82 -1.17
CA GLN A 79 39.11 -14.24 -2.57
C GLN A 79 37.88 -15.14 -2.78
N GLU A 80 37.74 -16.17 -1.97
CA GLU A 80 36.60 -17.05 -2.15
C GLU A 80 35.32 -16.35 -1.80
N ASP A 81 35.40 -15.41 -0.87
CA ASP A 81 34.18 -14.71 -0.52
C ASP A 81 33.71 -13.99 -1.78
N CYS A 82 34.61 -13.24 -2.39
CA CYS A 82 34.29 -12.50 -3.59
C CYS A 82 33.85 -13.41 -4.74
N GLU A 83 34.46 -14.59 -4.86
CA GLU A 83 34.01 -15.56 -5.84
C GLU A 83 32.53 -15.85 -5.65
N LYS A 84 32.09 -16.04 -4.41
CA LYS A 84 30.70 -16.49 -4.19
C LYS A 84 29.77 -15.33 -4.45
N LEU A 85 30.18 -14.13 -4.04
CA LEU A 85 29.34 -12.97 -4.20
C LEU A 85 29.30 -12.57 -5.67
N ASN A 86 30.42 -12.67 -6.35
CA ASN A 86 30.36 -12.38 -7.77
C ASN A 86 29.45 -13.31 -8.52
N LYS A 87 29.48 -14.60 -8.19
CA LYS A 87 28.59 -15.56 -8.80
C LYS A 87 27.14 -15.18 -8.57
N ARG A 88 26.84 -14.73 -7.35
CA ARG A 88 25.50 -14.31 -6.99
C ARG A 88 25.09 -12.93 -7.52
N LYS A 89 25.90 -12.35 -8.41
CA LYS A 89 25.54 -11.08 -9.01
C LYS A 89 25.39 -9.92 -7.99
N VAL A 90 26.34 -9.82 -7.07
CA VAL A 90 26.32 -8.75 -6.10
C VAL A 90 26.90 -7.48 -6.73
N ASP A 91 26.35 -6.32 -6.41
CA ASP A 91 26.78 -5.09 -7.03
C ASP A 91 28.05 -4.50 -6.41
N TYR A 92 28.08 -4.41 -5.07
CA TYR A 92 29.17 -3.80 -4.29
C TYR A 92 29.60 -4.68 -3.11
N VAL A 93 30.92 -4.89 -3.00
CA VAL A 93 31.53 -5.45 -1.81
C VAL A 93 32.33 -4.38 -1.08
N PHE A 94 32.02 -4.19 0.19
CA PHE A 94 32.78 -3.22 0.98
C PHE A 94 33.65 -3.98 1.96
N ALA A 95 34.96 -3.88 1.80
CA ALA A 95 35.88 -4.73 2.53
C ALA A 95 37.06 -3.93 3.00
N PRO A 96 36.86 -3.11 4.04
CA PRO A 96 37.94 -2.24 4.53
C PRO A 96 38.89 -2.94 5.50
N ALA A 97 40.07 -2.37 5.64
CA ALA A 97 41.01 -2.78 6.67
C ALA A 97 40.65 -2.16 8.03
N VAL A 98 41.09 -2.82 9.08
CA VAL A 98 40.91 -2.36 10.44
C VAL A 98 41.35 -0.92 10.63
N GLU A 99 42.44 -0.53 9.97
CA GLU A 99 42.98 0.81 10.18
C GLU A 99 42.26 1.87 9.36
N GLU A 100 41.30 1.44 8.56
CA GLU A 100 40.44 2.35 7.83
C GLU A 100 39.22 2.64 8.72
N ILE A 101 38.67 1.59 9.34
CA ILE A 101 37.52 1.74 10.20
C ILE A 101 37.95 2.30 11.58
N TYR A 102 39.04 1.77 12.13
CA TYR A 102 39.54 2.25 13.41
C TYR A 102 40.99 2.76 13.34
N PRO A 103 41.18 3.91 12.69
CA PRO A 103 42.51 4.50 12.46
C PRO A 103 43.31 4.59 13.72
N HIS A 104 42.67 4.80 14.86
CA HIS A 104 43.44 4.94 16.11
C HIS A 104 43.04 3.92 17.16
N GLY A 105 42.80 2.68 16.75
CA GLY A 105 42.44 1.62 17.70
C GLY A 105 41.11 1.82 18.42
N LEU A 106 40.74 0.88 19.29
CA LEU A 106 39.40 0.95 19.90
C LEU A 106 39.22 1.85 21.12
N GLU A 107 40.31 2.37 21.67
CA GLU A 107 40.26 3.02 22.98
C GLU A 107 39.33 4.22 23.02
N GLY A 108 39.53 5.16 22.10
CA GLY A 108 38.67 6.34 22.04
C GLY A 108 37.54 6.30 21.02
N GLN A 109 37.21 5.12 20.52
CA GLN A 109 36.22 5.02 19.46
C GLN A 109 34.85 5.31 20.01
N THR A 110 34.12 6.16 19.32
CA THR A 110 32.73 6.41 19.66
C THR A 110 31.97 5.13 19.53
N TYR A 111 31.19 4.80 20.55
CA TYR A 111 30.40 3.54 20.51
C TYR A 111 28.89 3.75 20.70
N VAL A 112 28.12 2.76 20.27
CA VAL A 112 26.69 2.77 20.44
C VAL A 112 26.30 1.55 21.25
N ASP A 113 25.60 1.77 22.34
CA ASP A 113 25.25 0.70 23.25
C ASP A 113 23.73 0.59 23.33
N VAL A 114 23.19 -0.62 23.19
CA VAL A 114 21.79 -0.90 23.49
C VAL A 114 21.59 -1.54 24.88
N PRO A 115 21.00 -0.80 25.83
CA PRO A 115 21.00 -1.31 27.21
C PRO A 115 20.03 -2.44 27.49
N GLY A 116 20.39 -3.29 28.44
CA GLY A 116 19.60 -4.49 28.70
C GLY A 116 19.86 -5.60 27.70
N LEU A 117 19.37 -5.42 26.47
CA LEU A 117 19.64 -6.40 25.42
C LEU A 117 21.11 -6.81 25.33
N SER A 118 22.03 -5.90 25.60
CA SER A 118 23.42 -6.20 25.31
C SER A 118 24.18 -6.93 26.43
N THR A 119 23.61 -6.99 27.62
CA THR A 119 24.29 -7.62 28.73
C THR A 119 23.57 -8.86 29.26
N MET A 120 22.43 -9.19 28.66
CA MET A 120 21.70 -10.37 29.09
C MET A 120 22.09 -11.56 28.24
N LEU A 121 21.65 -12.75 28.63
CA LEU A 121 21.93 -13.98 27.90
C LEU A 121 23.41 -14.03 27.48
N GLU A 122 23.67 -14.32 26.21
CA GLU A 122 25.04 -14.42 25.75
C GLU A 122 25.87 -13.19 26.15
N GLY A 123 25.22 -12.06 26.28
CA GLY A 123 25.95 -10.87 26.65
C GLY A 123 26.62 -10.89 28.01
N ALA A 124 26.03 -11.61 28.96
CA ALA A 124 26.47 -11.54 30.35
C ALA A 124 27.86 -12.12 30.49
N SER A 125 28.15 -13.11 29.67
CA SER A 125 29.44 -13.79 29.72
C SER A 125 30.44 -13.13 28.78
N ARG A 126 30.00 -12.09 28.09
CA ARG A 126 30.78 -11.49 27.00
C ARG A 126 30.75 -9.96 26.99
N PRO A 127 31.33 -9.34 28.02
CA PRO A 127 31.32 -7.87 28.08
C PRO A 127 31.87 -7.27 26.79
N GLY A 128 31.18 -6.28 26.26
CA GLY A 128 31.68 -5.57 25.10
C GLY A 128 31.31 -6.12 23.72
N HIS A 129 30.94 -7.39 23.66
CA HIS A 129 30.66 -8.04 22.39
C HIS A 129 29.54 -7.35 21.62
N PHE A 130 28.35 -7.32 22.21
CA PHE A 130 27.23 -6.68 21.56
C PHE A 130 27.39 -5.18 21.32
N ARG A 131 28.20 -4.51 22.14
CA ARG A 131 28.51 -3.10 21.90
C ARG A 131 29.25 -2.99 20.59
N GLY A 132 30.20 -3.88 20.40
CA GLY A 132 30.89 -3.99 19.13
C GLY A 132 29.95 -4.21 17.94
N VAL A 133 28.91 -5.00 18.12
CA VAL A 133 28.00 -5.29 17.03
C VAL A 133 27.17 -4.04 16.66
N SER A 134 26.58 -3.41 17.67
CA SER A 134 25.76 -2.22 17.42
C SER A 134 26.61 -1.04 16.96
N THR A 135 27.86 -0.97 17.39
CA THR A 135 28.65 0.16 16.97
C THR A 135 28.96 0.08 15.46
N ILE A 136 29.31 -1.12 14.99
CA ILE A 136 29.81 -1.24 13.64
C ILE A 136 28.62 -1.20 12.66
N VAL A 137 27.52 -1.85 13.03
CA VAL A 137 26.34 -1.78 12.18
C VAL A 137 25.91 -0.31 12.05
N SER A 138 25.92 0.39 13.19
CA SER A 138 25.57 1.79 13.21
C SER A 138 26.42 2.60 12.25
N LYS A 139 27.74 2.44 12.37
CA LYS A 139 28.67 3.11 11.47
C LYS A 139 28.38 2.75 9.98
N LEU A 140 28.17 1.46 9.74
CA LEU A 140 27.83 0.99 8.40
C LEU A 140 26.56 1.62 7.84
N PHE A 141 25.55 1.76 8.70
CA PHE A 141 24.30 2.41 8.33
C PHE A 141 24.50 3.86 7.95
N ASN A 142 25.35 4.56 8.69
CA ASN A 142 25.54 5.97 8.43
C ASN A 142 26.30 6.11 7.13
N LEU A 143 27.25 5.19 6.94
CA LEU A 143 28.06 5.12 5.74
C LEU A 143 27.26 4.84 4.47
N ILE A 144 26.43 3.84 4.53
CA ILE A 144 25.80 3.31 3.33
C ILE A 144 24.35 3.81 3.20
N GLN A 145 23.75 4.16 4.33
CA GLN A 145 22.40 4.70 4.24
C GLN A 145 21.52 3.76 3.43
N PRO A 146 21.56 2.46 3.73
CA PRO A 146 20.71 1.57 2.91
C PRO A 146 19.23 1.83 3.18
N ASP A 147 18.38 1.40 2.26
CA ASP A 147 16.95 1.32 2.48
C ASP A 147 16.55 0.10 3.32
N ILE A 148 17.23 -1.02 3.06
CA ILE A 148 16.97 -2.34 3.66
C ILE A 148 18.30 -2.94 4.16
N ALA A 149 18.24 -3.64 5.28
CA ALA A 149 19.37 -4.43 5.74
C ALA A 149 18.88 -5.81 6.13
N CYS A 150 19.69 -6.82 5.83
CA CYS A 150 19.35 -8.21 6.12
C CYS A 150 20.19 -8.87 7.23
N PHE A 151 19.55 -9.56 8.15
CA PHE A 151 20.27 -10.33 9.15
C PHE A 151 19.70 -11.74 9.23
N GLY A 152 20.53 -12.70 9.61
CA GLY A 152 20.02 -14.06 9.75
C GLY A 152 19.23 -14.25 11.03
N GLU A 153 18.20 -15.10 11.00
CA GLU A 153 17.34 -15.28 12.18
C GLU A 153 18.00 -16.06 13.29
N LYS A 154 19.08 -16.71 12.93
CA LYS A 154 19.79 -17.56 13.85
C LYS A 154 20.41 -16.78 14.99
N ASP A 155 20.87 -15.55 14.75
CA ASP A 155 21.34 -14.75 15.88
C ASP A 155 20.25 -13.85 16.39
N PHE A 156 19.37 -14.43 17.20
CA PHE A 156 18.07 -13.84 17.47
C PHE A 156 18.38 -12.63 18.31
N GLN A 157 19.44 -12.73 19.10
CA GLN A 157 19.84 -11.62 19.98
C GLN A 157 20.40 -10.44 19.24
N GLN A 158 21.28 -10.68 18.27
CA GLN A 158 21.77 -9.65 17.36
C GLN A 158 20.60 -8.96 16.68
N LEU A 159 19.73 -9.77 16.09
CA LEU A 159 18.57 -9.24 15.43
C LEU A 159 17.74 -8.32 16.35
N ALA A 160 17.63 -8.65 17.63
CA ALA A 160 16.80 -7.82 18.52
C ALA A 160 17.56 -6.56 18.94
N LEU A 161 18.86 -6.73 19.09
CA LEU A 161 19.77 -5.65 19.37
C LEU A 161 19.56 -4.55 18.34
N ILE A 162 19.66 -4.93 17.07
CA ILE A 162 19.60 -4.01 15.95
C ILE A 162 18.21 -3.39 15.83
N ARG A 163 17.19 -4.21 16.00
CA ARG A 163 15.85 -3.69 15.84
C ARG A 163 15.61 -2.63 16.92
N LYS A 164 16.04 -2.91 18.14
CA LYS A 164 15.85 -1.96 19.22
C LYS A 164 16.66 -0.69 18.93
N MET A 165 17.88 -0.85 18.45
CA MET A 165 18.70 0.31 18.03
C MET A 165 18.00 1.22 17.01
N VAL A 166 17.42 0.59 15.99
CA VAL A 166 16.86 1.29 14.85
C VAL A 166 15.65 2.13 15.29
N ALA A 167 14.88 1.57 16.19
CA ALA A 167 13.78 2.31 16.81
C ALA A 167 14.28 3.46 17.64
N ASP A 168 15.16 3.15 18.59
CA ASP A 168 15.57 4.16 19.55
C ASP A 168 16.34 5.27 18.84
N MET A 169 17.15 4.87 17.87
CA MET A 169 18.02 5.88 17.27
C MET A 169 17.35 6.46 16.03
N SER A 170 16.13 6.02 15.74
CA SER A 170 15.36 6.59 14.63
C SER A 170 15.94 6.36 13.25
N TYR A 171 16.44 5.16 12.96
CA TYR A 171 16.96 4.86 11.62
C TYR A 171 15.79 4.48 10.70
N ASP A 172 15.63 5.17 9.59
CA ASP A 172 14.60 4.82 8.62
C ASP A 172 15.09 3.70 7.71
N ILE A 173 15.24 2.51 8.27
CA ILE A 173 15.82 1.42 7.53
C ILE A 173 14.97 0.20 7.79
N GLU A 174 14.67 -0.57 6.75
CA GLU A 174 13.89 -1.75 7.02
C GLU A 174 14.81 -2.91 7.36
N ILE A 175 14.65 -3.44 8.58
CA ILE A 175 15.47 -4.53 9.07
C ILE A 175 14.74 -5.82 8.81
N VAL A 176 15.36 -6.66 7.97
CA VAL A 176 14.74 -7.88 7.46
C VAL A 176 15.39 -9.13 8.05
N GLY A 177 14.67 -9.84 8.92
CA GLY A 177 15.18 -11.08 9.49
C GLY A 177 15.04 -12.25 8.52
N VAL A 178 16.13 -12.89 8.16
CA VAL A 178 15.99 -13.94 7.16
C VAL A 178 16.10 -15.27 7.83
N PRO A 179 15.09 -16.11 7.62
CA PRO A 179 14.95 -17.44 8.21
C PRO A 179 16.10 -18.36 7.81
N ILE A 180 16.54 -19.21 8.74
CA ILE A 180 17.66 -20.09 8.41
C ILE A 180 17.37 -21.14 7.33
N ILE A 181 18.43 -21.60 6.68
CA ILE A 181 18.34 -22.68 5.73
C ILE A 181 18.08 -23.97 6.48
N ARG A 182 16.96 -24.63 6.15
CA ARG A 182 16.63 -25.93 6.73
C ARG A 182 16.66 -27.05 5.70
N ALA A 183 16.85 -28.26 6.20
CA ALA A 183 16.73 -29.46 5.39
C ALA A 183 15.27 -29.69 5.08
N LYS A 184 14.99 -30.49 4.06
CA LYS A 184 13.61 -30.76 3.71
C LYS A 184 12.82 -31.22 4.93
N ASP A 185 13.47 -31.92 5.87
CA ASP A 185 12.76 -32.44 7.03
C ASP A 185 12.64 -31.45 8.21
N GLY A 186 13.32 -30.31 8.12
CA GLY A 186 13.16 -29.28 9.12
C GLY A 186 14.43 -28.92 9.88
N LEU A 187 15.33 -29.88 9.98
CA LEU A 187 16.61 -29.74 10.66
C LEU A 187 17.34 -28.53 10.20
N ALA A 188 17.85 -27.75 11.16
CA ALA A 188 18.72 -26.62 10.85
C ALA A 188 20.01 -27.14 10.27
N LEU A 189 20.30 -26.77 9.02
CA LEU A 189 21.60 -27.10 8.40
C LEU A 189 22.73 -26.34 9.08
N SER A 190 23.76 -27.09 9.46
CA SER A 190 24.77 -26.64 10.41
C SER A 190 25.98 -27.56 10.37
N SER A 191 27.04 -27.18 11.08
CA SER A 191 28.24 -27.99 11.18
C SER A 191 28.01 -29.19 12.10
N ARG A 192 27.34 -28.95 13.22
CA ARG A 192 27.07 -29.99 14.20
C ARG A 192 26.54 -31.29 13.60
N ASN A 193 26.01 -31.21 12.39
CA ASN A 193 25.34 -32.36 11.78
C ASN A 193 26.30 -33.42 11.25
N ALA A 194 27.51 -33.45 11.80
CA ALA A 194 28.53 -34.38 11.34
C ALA A 194 28.61 -35.63 12.21
N TYR A 195 28.37 -35.44 13.49
CA TYR A 195 28.50 -36.53 14.44
C TYR A 195 27.18 -37.23 14.57
N LEU A 196 26.28 -36.95 13.63
CA LEU A 196 24.98 -37.62 13.59
C LEU A 196 25.07 -38.93 12.82
N THR A 197 25.08 -40.04 13.55
CA THR A 197 24.85 -41.36 12.96
C THR A 197 23.54 -41.39 12.19
N ALA A 198 23.51 -42.16 11.10
CA ALA A 198 22.33 -42.26 10.26
C ALA A 198 21.07 -42.36 11.09
N GLU A 199 21.19 -42.96 12.27
CA GLU A 199 20.04 -43.20 13.14
C GLU A 199 19.66 -41.95 13.92
N GLN A 200 20.68 -41.22 14.37
CA GLN A 200 20.47 -39.96 15.08
C GLN A 200 19.99 -38.87 14.11
N ARG A 201 20.42 -38.96 12.87
CA ARG A 201 19.98 -38.03 11.83
C ARG A 201 18.47 -38.15 11.60
N LYS A 202 17.98 -39.38 11.58
CA LYS A 202 16.55 -39.63 11.44
C LYS A 202 15.76 -38.99 12.58
N ILE A 203 16.38 -38.93 13.75
CA ILE A 203 15.71 -38.41 14.95
C ILE A 203 15.83 -36.92 15.08
N ALA A 204 16.93 -36.39 14.58
CA ALA A 204 17.26 -34.98 14.71
C ALA A 204 16.09 -34.01 14.46
N PRO A 205 15.34 -34.19 13.36
CA PRO A 205 14.21 -33.30 13.05
C PRO A 205 13.18 -33.19 14.16
N GLY A 206 13.23 -34.07 15.16
CA GLY A 206 12.34 -34.00 16.31
C GLY A 206 12.40 -32.69 17.07
N LEU A 207 13.58 -32.10 17.15
CA LEU A 207 13.75 -30.82 17.83
C LEU A 207 12.90 -29.72 17.20
N TYR A 208 12.92 -29.63 15.88
CA TYR A 208 12.13 -28.63 15.19
C TYR A 208 10.64 -28.96 15.28
N ASN A 209 10.26 -30.25 15.29
CA ASN A 209 8.82 -30.54 15.49
C ASN A 209 8.35 -30.09 16.87
N VAL A 210 9.13 -30.48 17.88
CA VAL A 210 8.78 -30.09 19.24
C VAL A 210 8.64 -28.59 19.31
N MET A 211 9.50 -27.85 18.61
CA MET A 211 9.44 -26.40 18.64
C MET A 211 8.16 -25.86 17.99
N ASN A 212 7.83 -26.39 16.81
CA ASN A 212 6.57 -26.03 16.14
C ASN A 212 5.31 -26.39 16.95
N SER A 213 5.36 -27.42 17.79
CA SER A 213 4.20 -27.72 18.60
C SER A 213 4.00 -26.60 19.63
N ILE A 214 5.09 -26.07 20.13
CA ILE A 214 5.04 -24.92 21.02
C ILE A 214 4.49 -23.70 20.27
N ALA A 215 4.97 -23.44 19.06
CA ALA A 215 4.46 -22.31 18.26
C ALA A 215 2.94 -22.38 18.08
N GLU A 216 2.44 -23.58 17.81
CA GLU A 216 1.03 -23.77 17.52
C GLU A 216 0.27 -23.34 18.74
N LYS A 217 0.74 -23.80 19.89
CA LYS A 217 0.01 -23.62 21.12
C LYS A 217 -0.04 -22.14 21.47
N LEU A 218 1.11 -21.47 21.32
CA LEU A 218 1.24 -20.03 21.59
C LEU A 218 0.43 -19.14 20.64
N ILE A 219 0.56 -19.36 19.34
CA ILE A 219 -0.20 -18.61 18.37
C ILE A 219 -1.69 -18.63 18.64
N ALA A 220 -2.27 -19.81 18.88
CA ALA A 220 -3.62 -19.89 19.43
C ALA A 220 -3.44 -19.32 20.83
N GLY A 221 -4.45 -19.24 21.66
CA GLY A 221 -4.17 -18.49 22.88
C GLY A 221 -3.56 -19.14 24.11
N ASN A 222 -2.73 -20.15 23.89
CA ASN A 222 -2.15 -20.92 25.00
C ASN A 222 -1.06 -20.14 25.73
N ARG A 223 -1.18 -20.07 27.05
CA ARG A 223 -0.32 -19.20 27.84
C ARG A 223 0.15 -19.90 29.12
N GLU A 224 -0.14 -21.19 29.21
CA GLU A 224 0.34 -22.01 30.32
C GLU A 224 1.79 -22.43 30.10
N LEU A 225 2.71 -21.49 30.29
CA LEU A 225 4.02 -21.57 29.67
C LEU A 225 4.85 -22.71 30.26
N GLN A 226 4.88 -22.79 31.59
CA GLN A 226 5.62 -23.84 32.27
C GLN A 226 5.16 -25.22 31.83
N GLU A 227 3.86 -25.46 31.89
CA GLU A 227 3.27 -26.69 31.37
C GLU A 227 3.75 -26.96 29.94
N ILE A 228 3.56 -25.98 29.06
CA ILE A 228 4.01 -26.08 27.68
C ILE A 228 5.45 -26.54 27.59
N ILE A 229 6.34 -25.85 28.29
CA ILE A 229 7.76 -26.21 28.33
C ILE A 229 7.98 -27.64 28.85
N ALA A 230 7.36 -28.00 29.99
CA ALA A 230 7.53 -29.36 30.49
C ALA A 230 7.07 -30.42 29.48
N ILE A 231 5.93 -30.17 28.84
CA ILE A 231 5.48 -31.12 27.82
C ILE A 231 6.58 -31.32 26.79
N ALA A 232 7.15 -30.18 26.34
CA ALA A 232 8.24 -30.18 25.38
C ALA A 232 9.49 -30.96 25.85
N GLU A 233 9.96 -30.70 27.07
CA GLU A 233 11.05 -31.53 27.61
C GLU A 233 10.77 -33.02 27.49
N GLN A 234 9.60 -33.44 27.97
CA GLN A 234 9.24 -34.85 27.89
C GLN A 234 9.19 -35.32 26.42
N GLU A 235 8.50 -34.58 25.55
CA GLU A 235 8.41 -35.03 24.17
C GLU A 235 9.80 -35.34 23.59
N LEU A 236 10.74 -34.42 23.78
CA LEU A 236 12.12 -34.66 23.39
C LEU A 236 12.74 -35.92 24.02
N ASN A 237 12.64 -36.08 25.34
CA ASN A 237 13.24 -37.28 25.92
C ASN A 237 12.73 -38.58 25.30
N GLU A 238 11.44 -38.60 24.99
CA GLU A 238 10.82 -39.77 24.42
C GLU A 238 11.37 -40.08 23.03
N LYS A 239 11.56 -39.05 22.20
CA LYS A 239 12.14 -39.27 20.87
C LYS A 239 13.57 -39.81 20.96
N GLY A 240 14.21 -39.68 22.12
CA GLY A 240 15.59 -40.09 22.24
C GLY A 240 16.61 -38.97 22.48
N PHE A 241 16.19 -37.71 22.44
CA PHE A 241 17.09 -36.61 22.80
C PHE A 241 17.27 -36.63 24.30
N ARG A 242 18.07 -35.71 24.80
CA ARG A 242 18.08 -35.36 26.20
C ARG A 242 18.01 -33.86 26.27
N ALA A 243 16.93 -33.37 26.78
CA ALA A 243 16.67 -31.93 26.80
C ALA A 243 17.71 -31.15 27.56
N ASP A 244 18.30 -30.17 26.90
CA ASP A 244 19.27 -29.32 27.57
C ASP A 244 18.59 -28.04 28.07
N ASP A 245 17.85 -27.37 27.19
CA ASP A 245 17.24 -26.12 27.59
C ASP A 245 16.10 -25.74 26.66
N ILE A 246 15.06 -25.17 27.25
CA ILE A 246 13.89 -24.78 26.49
C ILE A 246 13.36 -23.51 27.09
N GLN A 247 13.22 -22.50 26.26
CA GLN A 247 12.81 -21.22 26.79
C GLN A 247 11.84 -20.55 25.89
N ILE A 248 10.92 -19.81 26.48
CA ILE A 248 10.03 -18.96 25.70
C ILE A 248 10.21 -17.55 26.19
N ARG A 249 10.48 -16.64 25.26
CA ARG A 249 10.74 -15.23 25.59
C ARG A 249 10.11 -14.29 24.63
N ASP A 250 10.00 -13.04 25.03
CA ASP A 250 9.51 -11.99 24.15
C ASP A 250 10.59 -11.71 23.10
N ALA A 251 10.25 -11.80 21.81
CA ALA A 251 11.22 -11.70 20.71
C ALA A 251 11.91 -10.34 20.59
N ASP A 252 11.28 -9.31 21.10
CA ASP A 252 11.86 -7.98 21.03
C ASP A 252 12.69 -7.61 22.24
N THR A 253 12.26 -8.01 23.43
CA THR A 253 12.97 -7.61 24.63
C THR A 253 13.91 -8.68 25.14
N LEU A 254 13.65 -9.91 24.71
CA LEU A 254 14.33 -11.11 25.23
C LEU A 254 13.98 -11.40 26.69
N LEU A 255 13.03 -10.65 27.23
CA LEU A 255 12.54 -10.90 28.57
C LEU A 255 11.32 -11.82 28.55
N GLU A 256 10.65 -11.89 29.69
CA GLU A 256 9.57 -12.85 29.85
C GLU A 256 8.34 -12.35 29.11
N LEU A 257 7.60 -13.26 28.51
CA LEU A 257 6.36 -12.88 27.85
C LEU A 257 5.47 -12.09 28.81
N THR A 258 4.83 -11.01 28.31
CA THR A 258 3.81 -10.26 29.08
C THR A 258 2.53 -10.08 28.27
N GLU A 259 1.49 -9.55 28.90
CA GLU A 259 0.20 -9.26 28.26
C GLU A 259 0.38 -8.54 26.95
N THR A 260 1.50 -7.85 26.84
CA THR A 260 1.71 -6.83 25.84
C THR A 260 2.67 -7.25 24.69
N SER A 261 3.34 -8.40 24.84
CA SER A 261 4.21 -8.89 23.80
C SER A 261 3.42 -9.17 22.53
N LYS A 262 4.05 -8.88 21.41
CA LYS A 262 3.45 -9.11 20.12
C LYS A 262 4.14 -10.29 19.46
N ARG A 263 5.39 -10.53 19.81
CA ARG A 263 6.17 -11.64 19.25
C ARG A 263 6.88 -12.45 20.32
N ALA A 264 6.92 -13.77 20.12
CA ALA A 264 7.66 -14.64 21.03
C ALA A 264 8.75 -15.27 20.26
N VAL A 265 9.86 -15.54 20.94
CA VAL A 265 10.94 -16.36 20.38
C VAL A 265 11.09 -17.64 21.19
N ILE A 266 11.24 -18.76 20.49
CA ILE A 266 11.34 -20.06 21.14
C ILE A 266 12.74 -20.57 20.99
N LEU A 267 13.46 -20.73 22.10
CA LEU A 267 14.83 -21.23 22.05
C LEU A 267 14.88 -22.64 22.58
N ALA A 268 15.49 -23.56 21.84
CA ALA A 268 15.69 -24.90 22.39
C ALA A 268 17.03 -25.51 22.07
N ALA A 269 17.54 -26.28 23.02
CA ALA A 269 18.79 -26.98 22.83
C ALA A 269 18.59 -28.34 23.46
N ALA A 270 19.06 -29.38 22.78
CA ALA A 270 18.91 -30.73 23.30
C ALA A 270 19.97 -31.63 22.69
N TRP A 271 20.34 -32.66 23.45
CA TRP A 271 21.41 -33.55 23.05
C TRP A 271 20.95 -34.81 22.38
N LEU A 272 21.83 -35.29 21.51
CA LEU A 272 21.58 -36.47 20.72
C LEU A 272 22.92 -37.20 20.74
N GLY A 273 22.98 -38.31 21.47
CA GLY A 273 24.26 -38.93 21.76
C GLY A 273 25.17 -37.84 22.33
N GLN A 274 26.30 -37.63 21.68
CA GLN A 274 27.30 -36.67 22.14
C GLN A 274 27.26 -35.35 21.37
N ALA A 275 26.19 -35.14 20.62
CA ALA A 275 26.03 -33.92 19.84
C ALA A 275 24.91 -33.04 20.40
N ARG A 276 25.17 -31.75 20.56
CA ARG A 276 24.20 -30.85 21.16
C ARG A 276 23.50 -29.93 20.17
N LEU A 277 22.33 -30.30 19.65
CA LEU A 277 21.68 -29.47 18.63
C LEU A 277 20.95 -28.25 19.24
N ILE A 278 21.07 -27.08 18.60
CA ILE A 278 20.33 -25.90 19.02
C ILE A 278 19.51 -25.36 17.86
N ASP A 279 18.35 -24.79 18.15
CA ASP A 279 17.49 -24.20 17.15
C ASP A 279 16.69 -23.05 17.80
N ASN A 280 15.99 -22.27 16.96
CA ASN A 280 15.10 -21.22 17.45
C ASN A 280 14.06 -20.83 16.44
N GLN A 281 13.00 -20.20 16.95
CA GLN A 281 11.84 -19.90 16.14
C GLN A 281 11.04 -18.73 16.70
N SER A 282 10.68 -17.83 15.81
CA SER A 282 9.96 -16.62 16.17
C SER A 282 8.58 -16.69 15.66
N VAL A 283 7.68 -16.07 16.37
CA VAL A 283 6.28 -16.33 16.11
C VAL A 283 5.42 -15.14 16.54
N THR A 284 4.34 -14.90 15.82
CA THR A 284 3.56 -13.68 16.05
C THR A 284 2.32 -14.00 16.85
N LEU A 285 2.19 -13.37 18.02
CA LEU A 285 1.10 -13.64 18.94
C LEU A 285 0.02 -12.58 18.90
N ALA A 286 0.36 -11.37 18.48
CA ALA A 286 -0.63 -10.30 18.44
C ALA A 286 -0.31 -9.26 17.39
N GLN A 287 -1.15 -8.25 17.30
CA GLN A 287 -0.99 -7.19 16.31
C GLN A 287 -0.88 -5.82 16.94
N ASN B 2 6.40 27.80 1.58
CA ASN B 2 7.18 28.94 2.07
C ASN B 2 6.88 29.27 3.54
N ALA B 3 5.60 29.35 3.87
CA ALA B 3 5.16 29.55 5.27
C ALA B 3 5.84 28.52 6.19
N MET B 4 6.40 29.00 7.30
CA MET B 4 7.08 28.11 8.21
C MET B 4 6.17 27.00 8.74
N LEU B 5 6.65 25.77 8.70
CA LEU B 5 5.91 24.67 9.29
C LEU B 5 6.47 24.31 10.66
N ILE B 6 5.58 24.05 11.62
CA ILE B 6 6.02 23.55 12.92
C ILE B 6 5.47 22.16 13.16
N ILE B 7 6.36 21.17 13.31
CA ILE B 7 5.95 19.76 13.46
C ILE B 7 6.16 19.26 14.90
N GLU B 8 5.12 18.68 15.46
CA GLU B 8 5.22 18.08 16.77
C GLU B 8 5.60 16.60 16.73
N THR B 9 5.35 15.91 15.61
CA THR B 9 5.43 14.44 15.64
C THR B 9 6.41 13.81 14.66
N LEU B 10 7.07 12.74 15.10
CA LEU B 10 8.05 12.02 14.26
C LEU B 10 7.52 11.58 12.87
N PRO B 11 6.31 11.02 12.83
CA PRO B 11 5.88 10.53 11.51
C PRO B 11 5.63 11.66 10.54
N LEU B 12 5.06 12.76 11.02
CA LEU B 12 4.84 13.92 10.18
C LEU B 12 6.18 14.46 9.74
N LEU B 13 7.13 14.57 10.66
CA LEU B 13 8.49 14.92 10.28
C LEU B 13 9.06 13.97 9.21
N ARG B 14 9.00 12.67 9.48
N ARG B 14 9.00 12.67 9.48
CA ARG B 14 9.48 11.65 8.58
CA ARG B 14 9.48 11.65 8.57
C ARG B 14 8.95 11.84 7.17
C ARG B 14 8.95 11.86 7.17
N GLN B 15 7.66 12.13 7.07
CA GLN B 15 7.03 12.36 5.77
C GLN B 15 7.63 13.56 4.99
N HIS B 16 7.75 14.71 5.63
CA HIS B 16 8.34 15.85 4.95
C HIS B 16 9.78 15.61 4.55
N ILE B 17 10.50 14.88 5.38
CA ILE B 17 11.89 14.58 5.16
C ILE B 17 12.02 13.72 3.91
N ARG B 18 11.32 12.59 3.90
CA ARG B 18 11.29 11.77 2.67
C ARG B 18 11.03 12.62 1.44
N ARG B 19 10.09 13.56 1.56
CA ARG B 19 9.70 14.40 0.43
C ARG B 19 10.88 15.28 0.03
N LEU B 20 11.51 15.89 1.03
CA LEU B 20 12.65 16.75 0.75
C LEU B 20 13.78 15.99 0.03
N ARG B 21 14.06 14.75 0.42
CA ARG B 21 15.13 13.99 -0.25
C ARG B 21 14.84 13.74 -1.73
N GLN B 22 13.62 13.33 -2.03
CA GLN B 22 13.27 13.01 -3.41
C GLN B 22 13.05 14.26 -4.29
N GLU B 23 13.11 15.42 -3.67
CA GLU B 23 13.18 16.67 -4.40
C GLU B 23 14.65 17.07 -4.44
N GLY B 24 15.48 16.25 -3.80
CA GLY B 24 16.89 16.56 -3.67
C GLY B 24 17.22 17.96 -3.21
N LYS B 25 16.39 18.52 -2.34
CA LYS B 25 16.70 19.81 -1.77
C LYS B 25 17.80 19.67 -0.69
N ARG B 26 18.81 20.53 -0.74
CA ARG B 26 19.94 20.51 0.21
C ARG B 26 19.52 21.07 1.57
N VAL B 27 19.63 20.26 2.61
CA VAL B 27 19.00 20.54 3.89
C VAL B 27 19.97 20.89 5.04
N ALA B 28 19.68 21.95 5.80
CA ALA B 28 20.53 22.34 6.94
C ALA B 28 19.87 22.17 8.29
N LEU B 29 20.61 21.69 9.29
CA LEU B 29 20.04 21.47 10.63
C LEU B 29 20.69 22.28 11.73
N VAL B 30 19.85 22.86 12.56
CA VAL B 30 20.29 23.56 13.76
C VAL B 30 19.56 23.03 14.96
N PRO B 31 20.20 22.14 15.71
CA PRO B 31 19.53 21.57 16.90
C PRO B 31 19.71 22.48 18.09
N THR B 32 18.68 22.66 18.92
CA THR B 32 18.71 23.58 20.04
C THR B 32 17.81 23.12 21.21
N MET B 33 18.05 23.65 22.40
CA MET B 33 17.20 23.33 23.53
C MET B 33 16.25 24.50 23.84
N GLY B 34 15.91 25.28 22.83
CA GLY B 34 14.94 26.37 23.01
C GLY B 34 15.57 27.56 23.70
N ASN B 35 14.74 28.51 24.15
CA ASN B 35 15.20 29.77 24.77
C ASN B 35 16.17 30.48 23.87
N LEU B 36 15.66 30.85 22.69
CA LEU B 36 16.49 31.33 21.62
C LEU B 36 16.84 32.79 21.79
N HIS B 37 18.02 33.17 21.33
CA HIS B 37 18.39 34.57 21.32
C HIS B 37 19.12 34.89 20.03
N ASP B 38 19.67 36.09 19.94
CA ASP B 38 20.32 36.51 18.70
C ASP B 38 21.48 35.59 18.37
N GLY B 39 22.03 34.93 19.39
CA GLY B 39 23.12 33.98 19.15
C GLY B 39 22.71 32.90 18.18
N HIS B 40 21.58 32.27 18.46
CA HIS B 40 21.06 31.23 17.61
C HIS B 40 20.70 31.74 16.22
N MET B 41 20.24 32.98 16.13
CA MET B 41 19.88 33.55 14.84
C MET B 41 21.07 33.53 13.89
N LYS B 42 22.27 33.72 14.44
CA LYS B 42 23.48 33.74 13.64
C LYS B 42 23.65 32.34 13.04
N LEU B 43 23.36 31.31 13.84
CA LEU B 43 23.44 29.94 13.38
C LEU B 43 22.49 29.79 12.22
N VAL B 44 21.28 30.27 12.42
CA VAL B 44 20.25 30.16 11.39
C VAL B 44 20.68 30.82 10.08
N ASP B 45 21.17 32.05 10.16
CA ASP B 45 21.79 32.76 9.05
C ASP B 45 22.83 31.90 8.30
N GLU B 46 23.79 31.34 9.04
CA GLU B 46 24.81 30.51 8.44
C GLU B 46 24.19 29.34 7.70
N ALA B 47 23.18 28.73 8.32
CA ALA B 47 22.51 27.59 7.73
C ALA B 47 21.81 27.99 6.43
N LYS B 48 21.10 29.11 6.46
CA LYS B 48 20.40 29.62 5.28
C LYS B 48 21.34 29.86 4.11
N ALA B 49 22.59 30.18 4.43
CA ALA B 49 23.54 30.59 3.45
C ALA B 49 24.16 29.35 2.83
N ARG B 50 23.90 28.21 3.44
CA ARG B 50 24.60 27.02 3.01
C ARG B 50 23.64 25.97 2.50
N ALA B 51 22.36 26.30 2.47
CA ALA B 51 21.38 25.26 2.16
C ALA B 51 20.06 25.78 1.59
N ASP B 52 19.37 24.93 0.84
CA ASP B 52 18.05 25.25 0.28
C ASP B 52 17.01 25.38 1.36
N VAL B 53 17.07 24.49 2.33
CA VAL B 53 16.04 24.43 3.36
C VAL B 53 16.69 24.40 4.72
N VAL B 54 16.10 25.13 5.66
CA VAL B 54 16.63 25.19 7.00
C VAL B 54 15.63 24.65 8.03
N ILE B 55 16.08 23.65 8.78
CA ILE B 55 15.29 23.08 9.84
C ILE B 55 15.87 23.45 11.19
N VAL B 56 15.06 23.98 12.08
CA VAL B 56 15.53 24.16 13.47
C VAL B 56 14.77 23.26 14.43
N SER B 57 15.50 22.63 15.33
CA SER B 57 14.83 21.74 16.26
C SER B 57 14.86 22.31 17.69
N ILE B 58 13.73 22.18 18.39
CA ILE B 58 13.63 22.72 19.73
C ILE B 58 13.15 21.60 20.56
N PHE B 59 14.01 21.20 21.48
CA PHE B 59 13.74 20.04 22.30
C PHE B 59 14.57 20.04 23.56
N VAL B 60 13.91 20.20 24.71
CA VAL B 60 14.62 20.24 25.97
C VAL B 60 14.88 18.80 26.35
N ASN B 61 16.06 18.32 25.99
CA ASN B 61 16.40 16.90 26.04
C ASN B 61 16.78 16.41 27.46
N PRO B 62 15.92 15.59 28.05
CA PRO B 62 16.23 15.17 29.42
C PRO B 62 17.48 14.30 29.57
N MET B 63 18.08 13.74 28.52
CA MET B 63 19.32 12.98 28.74
C MET B 63 20.51 13.87 29.09
N GLN B 64 20.45 15.16 28.71
CA GLN B 64 21.56 16.07 29.03
C GLN B 64 21.23 17.01 30.19
N PHE B 65 22.22 17.78 30.62
CA PHE B 65 22.02 18.80 31.63
C PHE B 65 21.62 20.10 30.97
N ASP B 66 20.58 20.74 31.47
CA ASP B 66 20.13 22.01 30.94
C ASP B 66 20.97 23.14 31.55
N ARG B 67 22.20 23.28 31.07
CA ARG B 67 23.07 24.35 31.54
C ARG B 67 22.51 25.68 31.09
N PRO B 68 22.58 26.68 31.97
CA PRO B 68 21.95 27.97 31.71
C PRO B 68 22.80 28.85 30.80
N ASP B 69 22.14 29.62 29.94
CA ASP B 69 22.82 30.56 29.07
C ASP B 69 22.92 31.90 29.80
N ASP B 70 24.09 32.48 29.84
CA ASP B 70 24.25 33.77 30.55
C ASP B 70 23.71 34.95 29.74
N LEU B 71 23.49 34.73 28.43
CA LEU B 71 22.95 35.75 27.53
C LEU B 71 21.44 35.88 27.67
N VAL B 72 20.82 34.85 28.27
CA VAL B 72 19.37 34.80 28.47
C VAL B 72 19.01 35.33 29.85
N ARG B 73 18.01 36.20 29.90
CA ARG B 73 17.71 36.83 31.17
C ARG B 73 16.26 36.64 31.56
N TYR B 74 15.49 36.06 30.67
CA TYR B 74 14.05 35.85 30.85
C TYR B 74 13.68 34.57 30.06
N PRO B 75 12.94 33.64 30.67
CA PRO B 75 12.76 32.39 29.92
C PRO B 75 11.81 32.58 28.75
N ARG B 76 11.76 31.59 27.87
CA ARG B 76 10.94 31.71 26.67
C ARG B 76 9.80 30.76 26.60
N THR B 77 8.89 31.11 25.72
CA THR B 77 7.73 30.34 25.45
C THR B 77 8.08 29.60 24.15
N LEU B 78 7.58 28.41 23.93
CA LEU B 78 7.73 27.84 22.58
C LEU B 78 7.26 28.85 21.48
N GLN B 79 6.11 29.51 21.65
CA GLN B 79 5.63 30.47 20.67
C GLN B 79 6.56 31.65 20.44
N GLU B 80 7.19 32.13 21.50
CA GLU B 80 8.20 33.17 21.34
C GLU B 80 9.31 32.67 20.45
N ASP B 81 9.89 31.53 20.80
CA ASP B 81 11.01 30.99 20.02
C ASP B 81 10.61 30.92 18.55
N CYS B 82 9.40 30.47 18.32
CA CYS B 82 8.91 30.33 16.97
C CYS B 82 8.79 31.67 16.26
N GLU B 83 8.21 32.67 16.92
CA GLU B 83 8.09 34.00 16.31
C GLU B 83 9.46 34.48 15.83
N LYS B 84 10.47 34.37 16.69
CA LYS B 84 11.83 34.70 16.28
C LYS B 84 12.11 33.97 14.99
N LEU B 85 11.93 32.66 15.00
CA LEU B 85 12.34 31.87 13.86
C LEU B 85 11.58 32.19 12.57
N ASN B 86 10.29 32.52 12.69
CA ASN B 86 9.47 32.82 11.53
C ASN B 86 10.03 34.05 10.80
N LYS B 87 10.48 35.02 11.58
CA LYS B 87 11.06 36.25 11.05
C LYS B 87 12.35 35.95 10.30
N ARG B 88 13.23 35.20 10.96
CA ARG B 88 14.56 34.88 10.44
C ARG B 88 14.55 33.90 9.26
N LYS B 89 13.35 33.60 8.75
CA LYS B 89 13.17 32.89 7.48
C LYS B 89 13.58 31.40 7.47
N VAL B 90 13.01 30.67 8.43
CA VAL B 90 13.29 29.27 8.65
C VAL B 90 12.15 28.44 8.11
N ASP B 91 12.45 27.28 7.55
CA ASP B 91 11.48 26.50 6.80
C ASP B 91 10.66 25.56 7.66
N TYR B 92 11.35 24.78 8.50
CA TYR B 92 10.67 23.87 9.43
C TYR B 92 11.18 24.02 10.86
N VAL B 93 10.27 23.95 11.81
CA VAL B 93 10.65 23.81 13.20
C VAL B 93 10.17 22.46 13.71
N PHE B 94 11.08 21.73 14.35
CA PHE B 94 10.68 20.46 14.91
C PHE B 94 10.58 20.62 16.43
N ALA B 95 9.42 20.38 17.00
CA ALA B 95 9.24 20.64 18.43
C ALA B 95 8.40 19.56 19.13
N PRO B 96 9.00 18.40 19.36
CA PRO B 96 8.34 17.24 19.96
C PRO B 96 8.25 17.33 21.48
N ALA B 97 7.29 16.63 22.04
CA ALA B 97 7.26 16.45 23.47
C ALA B 97 8.21 15.31 23.81
N VAL B 98 8.58 15.22 25.08
CA VAL B 98 9.42 14.14 25.60
C VAL B 98 8.83 12.77 25.31
N GLU B 99 7.55 12.59 25.62
CA GLU B 99 6.93 11.27 25.42
C GLU B 99 7.02 10.82 23.96
N GLU B 100 7.17 11.77 23.04
CA GLU B 100 7.24 11.46 21.63
C GLU B 100 8.63 10.94 21.32
N ILE B 101 9.64 11.62 21.86
CA ILE B 101 11.03 11.25 21.61
C ILE B 101 11.43 10.02 22.39
N TYR B 102 11.06 10.01 23.66
CA TYR B 102 11.29 8.88 24.55
C TYR B 102 9.98 8.32 25.10
N PRO B 103 9.17 7.69 24.24
CA PRO B 103 7.86 7.22 24.73
C PRO B 103 7.93 6.25 25.90
N HIS B 104 9.08 5.64 26.15
CA HIS B 104 9.16 4.67 27.25
C HIS B 104 10.22 5.06 28.25
N GLY B 105 10.58 6.32 28.29
CA GLY B 105 11.52 6.77 29.28
C GLY B 105 12.95 6.60 28.82
N LEU B 106 13.87 6.71 29.77
CA LEU B 106 15.28 6.80 29.47
C LEU B 106 16.00 5.51 29.77
N GLU B 107 15.34 4.67 30.57
CA GLU B 107 15.97 3.49 31.13
C GLU B 107 16.61 2.62 30.05
N GLY B 108 15.79 2.17 29.11
CA GLY B 108 16.31 1.33 28.05
C GLY B 108 16.79 2.04 26.79
N GLN B 109 16.83 3.38 26.81
CA GLN B 109 17.18 4.11 25.60
C GLN B 109 18.62 3.83 25.17
N THR B 110 18.75 3.36 23.93
CA THR B 110 20.04 3.23 23.28
C THR B 110 20.79 4.57 23.34
N TYR B 111 22.10 4.51 23.54
CA TYR B 111 22.89 5.74 23.60
C TYR B 111 24.19 5.72 22.79
N VAL B 112 24.62 6.92 22.43
CA VAL B 112 25.90 7.07 21.72
C VAL B 112 26.83 7.78 22.68
N ASP B 113 28.02 7.22 22.83
CA ASP B 113 28.96 7.75 23.79
C ASP B 113 30.36 7.99 23.21
N VAL B 114 30.87 9.21 23.34
CA VAL B 114 32.22 9.51 22.86
C VAL B 114 33.19 9.58 24.01
N PRO B 115 34.10 8.59 24.08
CA PRO B 115 35.10 8.40 25.16
C PRO B 115 36.05 9.58 25.26
N GLY B 116 36.48 9.89 26.48
CA GLY B 116 37.38 11.00 26.69
C GLY B 116 36.66 12.35 26.58
N LEU B 117 36.27 12.74 25.37
CA LEU B 117 35.66 14.05 25.22
C LEU B 117 34.46 14.21 26.15
N SER B 118 33.72 13.13 26.42
CA SER B 118 32.54 13.28 27.28
C SER B 118 32.82 13.34 28.80
N THR B 119 34.00 12.89 29.22
CA THR B 119 34.28 12.75 30.64
C THR B 119 35.29 13.77 31.10
N MET B 120 35.91 14.48 30.16
CA MET B 120 36.87 15.51 30.52
C MET B 120 36.20 16.89 30.75
N LEU B 121 36.92 17.81 31.39
CA LEU B 121 36.44 19.19 31.62
C LEU B 121 35.00 19.25 32.10
N GLU B 122 34.17 19.98 31.38
CA GLU B 122 32.79 20.20 31.81
C GLU B 122 32.07 18.87 32.12
N GLY B 123 32.53 17.79 31.52
CA GLY B 123 31.82 16.53 31.58
C GLY B 123 32.21 15.69 32.77
N ALA B 124 33.39 15.95 33.32
CA ALA B 124 33.87 15.25 34.50
C ALA B 124 32.90 15.44 35.64
N SER B 125 32.33 16.63 35.71
CA SER B 125 31.50 16.96 36.85
C SER B 125 30.01 16.74 36.57
N ARG B 126 29.68 16.32 35.36
CA ARG B 126 28.28 16.03 35.03
C ARG B 126 28.19 14.69 34.33
N PRO B 127 28.23 13.62 35.11
CA PRO B 127 28.24 12.29 34.50
C PRO B 127 27.04 12.20 33.59
N GLY B 128 27.20 11.57 32.43
CA GLY B 128 26.09 11.37 31.53
C GLY B 128 25.62 12.53 30.64
N HIS B 129 26.17 13.72 30.86
CA HIS B 129 25.67 14.90 30.15
C HIS B 129 25.93 14.82 28.65
N PHE B 130 27.19 14.67 28.30
CA PHE B 130 27.57 14.65 26.90
C PHE B 130 27.04 13.43 26.16
N ARG B 131 26.84 12.35 26.91
CA ARG B 131 26.23 11.16 26.37
C ARG B 131 24.80 11.45 25.97
N GLY B 132 24.12 12.33 26.70
CA GLY B 132 22.81 12.75 26.28
C GLY B 132 22.86 13.63 25.05
N VAL B 133 23.99 14.31 24.85
CA VAL B 133 24.08 15.27 23.76
C VAL B 133 24.31 14.56 22.44
N SER B 134 25.28 13.65 22.46
CA SER B 134 25.59 12.86 21.27
C SER B 134 24.42 11.95 20.85
N THR B 135 23.72 11.41 21.81
CA THR B 135 22.57 10.56 21.56
C THR B 135 21.44 11.30 20.88
N ILE B 136 20.97 12.38 21.49
CA ILE B 136 19.90 13.11 20.85
C ILE B 136 20.37 13.64 19.49
N VAL B 137 21.63 14.10 19.40
CA VAL B 137 22.09 14.61 18.12
C VAL B 137 22.19 13.50 17.06
N SER B 138 22.67 12.32 17.45
CA SER B 138 22.75 11.22 16.49
C SER B 138 21.34 10.90 16.03
N LYS B 139 20.40 10.87 16.98
CA LYS B 139 19.01 10.58 16.66
C LYS B 139 18.36 11.64 15.76
N LEU B 140 18.58 12.93 16.06
CA LEU B 140 18.20 13.96 15.11
C LEU B 140 18.86 13.77 13.70
N PHE B 141 20.15 13.42 13.68
CA PHE B 141 20.83 13.15 12.43
C PHE B 141 20.14 12.07 11.56
N ASN B 142 19.76 10.97 12.19
CA ASN B 142 19.15 9.84 11.48
C ASN B 142 17.72 10.13 11.04
N LEU B 143 17.05 10.94 11.82
CA LEU B 143 15.66 11.24 11.59
C LEU B 143 15.61 12.26 10.46
N ILE B 144 16.57 13.18 10.45
CA ILE B 144 16.52 14.30 9.52
C ILE B 144 17.47 14.26 8.34
N GLN B 145 18.64 13.65 8.50
CA GLN B 145 19.58 13.49 7.38
C GLN B 145 19.90 14.80 6.70
N PRO B 146 20.47 15.73 7.47
CA PRO B 146 20.87 17.00 6.88
C PRO B 146 22.19 16.83 6.14
N ASP B 147 22.47 17.75 5.23
CA ASP B 147 23.76 17.81 4.60
C ASP B 147 24.73 18.61 5.44
N ILE B 148 24.24 19.63 6.14
CA ILE B 148 25.08 20.39 7.06
C ILE B 148 24.38 20.62 8.41
N ALA B 149 25.16 20.88 9.47
CA ALA B 149 24.59 21.11 10.79
C ALA B 149 25.41 22.15 11.51
N CYS B 150 24.73 23.13 12.12
CA CYS B 150 25.45 24.24 12.73
C CYS B 150 25.51 24.21 14.25
N PHE B 151 26.70 24.47 14.77
CA PHE B 151 26.90 24.56 16.20
C PHE B 151 27.71 25.80 16.45
N GLY B 152 27.50 26.42 17.60
CA GLY B 152 28.18 27.66 17.86
C GLY B 152 29.54 27.39 18.44
N GLU B 153 30.51 28.22 18.07
CA GLU B 153 31.86 28.07 18.62
C GLU B 153 31.96 28.26 20.14
N LYS B 154 31.01 28.95 20.76
CA LYS B 154 31.14 29.20 22.19
C LYS B 154 31.23 27.90 22.94
N ASP B 155 30.22 27.04 22.83
N ASP B 155 30.23 27.04 22.79
CA ASP B 155 30.29 25.73 23.51
CA ASP B 155 30.27 25.70 23.38
C ASP B 155 31.23 24.75 22.76
C ASP B 155 31.25 24.84 22.60
N PHE B 156 32.54 25.02 22.87
CA PHE B 156 33.60 24.32 22.14
C PHE B 156 33.74 22.80 22.42
N GLN B 157 33.57 22.36 23.66
CA GLN B 157 33.60 20.93 23.96
C GLN B 157 32.53 20.19 23.18
N GLN B 158 31.35 20.80 23.06
CA GLN B 158 30.24 20.17 22.38
C GLN B 158 30.58 19.99 20.94
N LEU B 159 31.28 20.96 20.43
CA LEU B 159 31.58 21.02 19.02
C LEU B 159 32.64 19.99 18.69
N ALA B 160 33.54 19.74 19.64
CA ALA B 160 34.55 18.73 19.40
C ALA B 160 33.87 17.38 19.53
N LEU B 161 32.99 17.27 20.52
CA LEU B 161 32.33 16.00 20.77
C LEU B 161 31.54 15.58 19.53
N ILE B 162 30.81 16.53 18.95
CA ILE B 162 30.02 16.21 17.77
C ILE B 162 30.88 15.92 16.57
N ARG B 163 32.02 16.61 16.44
CA ARG B 163 32.92 16.32 15.31
C ARG B 163 33.48 14.91 15.39
N LYS B 164 33.93 14.54 16.59
CA LYS B 164 34.47 13.21 16.85
C LYS B 164 33.42 12.15 16.54
N MET B 165 32.18 12.39 16.96
CA MET B 165 31.13 11.44 16.68
C MET B 165 30.94 11.33 15.16
N VAL B 166 30.93 12.47 14.47
CA VAL B 166 30.69 12.45 13.02
C VAL B 166 31.77 11.64 12.26
N ALA B 167 33.01 11.77 12.70
CA ALA B 167 34.11 11.04 12.08
C ALA B 167 34.03 9.54 12.40
N ASP B 168 33.93 9.26 13.68
CA ASP B 168 33.92 7.90 14.19
C ASP B 168 32.72 7.12 13.63
N MET B 169 31.57 7.78 13.54
CA MET B 169 30.36 7.05 13.18
C MET B 169 30.05 7.18 11.71
N SER B 170 30.94 7.87 10.98
CA SER B 170 30.81 8.00 9.53
C SER B 170 29.53 8.66 9.07
N TYR B 171 29.19 9.79 9.68
CA TYR B 171 28.08 10.57 9.19
C TYR B 171 28.53 11.45 8.03
N ASP B 172 27.78 11.44 6.93
CA ASP B 172 28.12 12.32 5.82
C ASP B 172 27.46 13.66 6.01
N ILE B 173 27.83 14.31 7.10
CA ILE B 173 27.30 15.62 7.42
C ILE B 173 28.42 16.65 7.62
N GLU B 174 28.23 17.83 7.06
CA GLU B 174 29.18 18.88 7.28
C GLU B 174 28.90 19.55 8.62
N ILE B 175 29.86 19.50 9.53
CA ILE B 175 29.72 20.18 10.78
C ILE B 175 30.41 21.55 10.73
N VAL B 176 29.59 22.60 10.74
CA VAL B 176 29.98 23.99 10.58
C VAL B 176 30.00 24.70 11.92
N GLY B 177 31.19 25.03 12.40
CA GLY B 177 31.33 25.74 13.65
C GLY B 177 31.14 27.22 13.40
N VAL B 178 30.23 27.83 14.14
CA VAL B 178 29.85 29.21 13.87
C VAL B 178 30.49 30.15 14.89
N PRO B 179 31.23 31.14 14.42
CA PRO B 179 31.91 32.00 15.38
C PRO B 179 30.90 32.86 16.13
N ILE B 180 31.25 33.20 17.37
CA ILE B 180 30.47 34.03 18.28
C ILE B 180 30.09 35.41 17.71
N ILE B 181 28.98 36.01 18.18
CA ILE B 181 28.65 37.43 17.89
C ILE B 181 29.52 38.38 18.71
N ARG B 182 30.05 39.41 18.07
CA ARG B 182 30.96 40.37 18.71
C ARG B 182 30.57 41.78 18.42
N ALA B 183 30.80 42.69 19.36
CA ALA B 183 30.68 44.11 19.05
C ALA B 183 31.56 44.54 17.85
N LYS B 184 31.21 45.67 17.24
CA LYS B 184 31.93 46.19 16.08
C LYS B 184 33.45 46.18 16.29
N ASP B 185 33.89 46.45 17.52
CA ASP B 185 35.31 46.58 17.81
C ASP B 185 36.03 45.29 18.21
N GLY B 186 35.32 44.15 18.24
CA GLY B 186 35.94 42.88 18.60
C GLY B 186 35.42 42.18 19.86
N LEU B 187 35.00 42.97 20.85
CA LEU B 187 34.63 42.47 22.16
C LEU B 187 33.50 41.48 22.04
N ALA B 188 33.63 40.34 22.71
CA ALA B 188 32.55 39.37 22.78
C ALA B 188 31.34 39.93 23.53
N LEU B 189 30.15 39.73 22.97
CA LEU B 189 28.94 40.14 23.65
C LEU B 189 28.79 39.24 24.87
N SER B 190 28.42 39.81 26.01
CA SER B 190 28.40 39.07 27.27
C SER B 190 27.83 39.89 28.42
N SER B 191 27.08 39.22 29.27
CA SER B 191 26.57 39.81 30.49
C SER B 191 27.74 40.48 31.20
N ARG B 192 28.90 39.85 31.16
CA ARG B 192 30.08 40.38 31.81
C ARG B 192 30.37 41.85 31.43
N ASN B 193 30.16 42.19 30.16
CA ASN B 193 30.41 43.55 29.72
C ASN B 193 29.81 44.60 30.64
N ALA B 194 28.58 44.36 31.09
CA ALA B 194 27.90 45.30 31.99
C ALA B 194 28.70 45.58 33.25
N TYR B 195 29.70 44.74 33.53
CA TYR B 195 30.58 44.99 34.68
C TYR B 195 31.77 45.93 34.42
N LEU B 196 32.03 46.31 33.18
CA LEU B 196 33.11 47.26 32.88
C LEU B 196 32.72 48.69 33.22
N THR B 197 33.69 49.55 33.44
CA THR B 197 33.36 50.97 33.45
C THR B 197 33.43 51.46 32.00
N ALA B 198 33.00 52.68 31.74
CA ALA B 198 33.11 53.16 30.37
C ALA B 198 34.56 53.15 29.92
N GLU B 199 35.48 53.49 30.81
CA GLU B 199 36.91 53.56 30.45
C GLU B 199 37.49 52.18 30.21
N GLN B 200 37.10 51.22 31.03
CA GLN B 200 37.49 49.84 30.82
C GLN B 200 36.90 49.28 29.53
N ARG B 201 35.81 49.86 29.04
CA ARG B 201 35.21 49.35 27.80
C ARG B 201 36.08 49.70 26.59
N LYS B 202 36.83 50.79 26.69
CA LYS B 202 37.78 51.19 25.67
C LYS B 202 38.93 50.17 25.59
N ILE B 203 39.18 49.47 26.69
CA ILE B 203 40.31 48.56 26.79
C ILE B 203 39.90 47.11 26.48
N ALA B 204 38.67 46.80 26.81
CA ALA B 204 38.11 45.46 26.64
C ALA B 204 38.48 44.79 25.32
N PRO B 205 38.44 45.52 24.20
CA PRO B 205 38.72 44.90 22.88
C PRO B 205 40.13 44.34 22.78
N GLY B 206 40.99 44.69 23.71
CA GLY B 206 42.34 44.17 23.70
C GLY B 206 42.39 42.67 23.88
N LEU B 207 41.33 42.09 24.45
CA LEU B 207 41.39 40.65 24.69
C LEU B 207 41.30 39.87 23.38
N TYR B 208 40.39 40.30 22.52
CA TYR B 208 40.33 39.84 21.14
C TYR B 208 41.67 40.06 20.41
N ASN B 209 42.22 41.26 20.54
CA ASN B 209 43.45 41.59 19.85
C ASN B 209 44.56 40.60 20.18
N VAL B 210 44.86 40.48 21.47
CA VAL B 210 45.91 39.60 21.93
C VAL B 210 45.67 38.22 21.36
N MET B 211 44.40 37.82 21.33
CA MET B 211 44.06 36.50 20.80
C MET B 211 44.42 36.37 19.32
N ASN B 212 44.17 37.41 18.52
CA ASN B 212 44.56 37.32 17.11
C ASN B 212 46.07 37.22 16.96
N SER B 213 46.79 38.02 17.72
CA SER B 213 48.22 37.90 17.80
C SER B 213 48.65 36.43 17.96
N ILE B 214 47.95 35.70 18.83
CA ILE B 214 48.27 34.29 19.05
C ILE B 214 47.94 33.44 17.82
N ALA B 215 46.76 33.65 17.25
CA ALA B 215 46.35 32.91 16.06
C ALA B 215 47.39 33.07 14.94
N GLU B 216 47.72 34.32 14.63
CA GLU B 216 48.66 34.62 13.58
C GLU B 216 49.94 33.83 13.81
N LYS B 217 50.46 33.94 15.03
CA LYS B 217 51.64 33.17 15.40
C LYS B 217 51.46 31.69 15.08
N LEU B 218 50.33 31.12 15.49
CA LEU B 218 50.06 29.70 15.27
C LEU B 218 49.95 29.35 13.79
N ILE B 219 49.19 30.15 13.07
CA ILE B 219 49.02 29.95 11.64
C ILE B 219 50.38 29.96 10.97
N ALA B 220 51.33 30.68 11.58
CA ALA B 220 52.64 30.86 10.99
C ALA B 220 53.63 29.82 11.52
N GLY B 221 53.10 28.77 12.13
CA GLY B 221 53.86 27.55 12.35
C GLY B 221 54.71 27.63 13.60
N ASN B 222 54.45 28.62 14.44
CA ASN B 222 55.19 28.81 15.69
C ASN B 222 54.62 27.96 16.82
N ARG B 223 55.32 26.90 17.18
CA ARG B 223 54.80 25.91 18.12
C ARG B 223 55.48 26.02 19.47
N GLU B 224 56.14 27.16 19.70
CA GLU B 224 56.75 27.44 20.99
C GLU B 224 55.72 28.01 21.95
N LEU B 225 54.84 27.14 22.43
CA LEU B 225 53.62 27.60 23.10
C LEU B 225 53.84 28.36 24.40
N GLN B 226 54.59 27.75 25.33
CA GLN B 226 54.84 28.30 26.67
C GLN B 226 55.16 29.80 26.61
N GLU B 227 55.96 30.19 25.63
CA GLU B 227 56.29 31.59 25.52
C GLU B 227 55.33 32.42 24.68
N ILE B 228 54.65 31.82 23.71
CA ILE B 228 53.62 32.55 22.99
C ILE B 228 52.62 33.08 24.02
N ILE B 229 52.28 32.19 24.95
CA ILE B 229 51.33 32.47 26.01
C ILE B 229 51.88 33.52 26.95
N ALA B 230 53.15 33.39 27.27
CA ALA B 230 53.79 34.30 28.21
C ALA B 230 53.78 35.75 27.70
N ILE B 231 54.05 35.91 26.42
CA ILE B 231 53.96 37.21 25.77
C ILE B 231 52.55 37.76 25.90
N ALA B 232 51.55 36.95 25.57
CA ALA B 232 50.14 37.36 25.64
C ALA B 232 49.78 37.88 27.04
N GLU B 233 50.21 37.17 28.08
CA GLU B 233 50.08 37.67 29.45
C GLU B 233 50.75 39.03 29.64
N GLN B 234 51.98 39.19 29.19
CA GLN B 234 52.64 40.50 29.27
C GLN B 234 51.71 41.54 28.63
N GLU B 235 51.36 41.24 27.38
CA GLU B 235 50.64 42.17 26.52
C GLU B 235 49.34 42.65 27.17
N LEU B 236 48.63 41.74 27.81
CA LEU B 236 47.35 42.07 28.45
C LEU B 236 47.58 42.83 29.74
N ASN B 237 48.51 42.34 30.57
CA ASN B 237 48.74 43.02 31.85
C ASN B 237 49.18 44.46 31.58
N GLU B 238 49.93 44.67 30.51
CA GLU B 238 50.41 46.01 30.19
C GLU B 238 49.32 46.86 29.54
N LYS B 239 48.21 46.22 29.16
CA LYS B 239 47.07 46.95 28.62
C LYS B 239 46.11 47.38 29.75
N GLY B 240 46.28 46.78 30.92
CA GLY B 240 45.47 47.10 32.08
C GLY B 240 44.64 45.93 32.58
N PHE B 241 44.63 44.84 31.80
CA PHE B 241 43.96 43.61 32.21
C PHE B 241 44.78 42.99 33.30
N ARG B 242 44.27 41.93 33.90
CA ARG B 242 45.06 41.03 34.73
C ARG B 242 44.76 39.62 34.25
N ALA B 243 45.63 39.09 33.40
CA ALA B 243 45.41 37.77 32.82
C ALA B 243 45.19 36.71 33.88
N ASP B 244 44.17 35.90 33.71
CA ASP B 244 43.84 34.85 34.67
C ASP B 244 44.16 33.47 34.12
N ASP B 245 43.61 33.15 32.96
CA ASP B 245 43.76 31.83 32.37
C ASP B 245 43.84 31.92 30.84
N ILE B 246 45.03 31.68 30.30
CA ILE B 246 45.20 31.57 28.86
C ILE B 246 45.70 30.18 28.48
N GLN B 247 44.99 29.54 27.55
CA GLN B 247 45.31 28.17 27.15
C GLN B 247 45.18 27.99 25.64
N ILE B 248 45.96 27.06 25.10
CA ILE B 248 45.89 26.63 23.72
C ILE B 248 45.83 25.11 23.63
N ARG B 249 44.79 24.56 23.02
CA ARG B 249 44.67 23.12 22.91
C ARG B 249 44.39 22.74 21.48
N ASP B 250 44.49 21.44 21.20
CA ASP B 250 43.95 20.88 19.97
C ASP B 250 42.44 20.99 20.03
N ALA B 251 41.84 21.60 19.02
CA ALA B 251 40.41 21.82 19.03
C ALA B 251 39.60 20.51 18.89
N ASP B 252 40.22 19.44 18.40
CA ASP B 252 39.50 18.19 18.20
C ASP B 252 39.67 17.21 19.34
N THR B 253 40.85 17.26 19.98
CA THR B 253 41.09 16.41 21.16
C THR B 253 40.91 17.14 22.48
N LEU B 254 40.98 18.47 22.46
CA LEU B 254 41.01 19.21 23.72
C LEU B 254 42.25 18.83 24.60
N LEU B 255 43.22 18.16 23.99
CA LEU B 255 44.51 17.97 24.65
C LEU B 255 45.58 18.86 23.99
N GLU B 256 46.86 18.52 24.17
CA GLU B 256 47.90 19.40 23.64
C GLU B 256 48.08 19.29 22.13
N LEU B 257 48.54 20.37 21.51
CA LEU B 257 49.00 20.30 20.14
C LEU B 257 50.06 19.24 19.99
N THR B 258 50.08 18.60 18.83
CA THR B 258 51.09 17.61 18.48
C THR B 258 51.43 17.90 17.04
N GLU B 259 52.40 17.14 16.53
CA GLU B 259 52.85 17.27 15.16
C GLU B 259 51.70 17.10 14.17
N THR B 260 50.65 16.41 14.61
CA THR B 260 49.51 16.08 13.76
C THR B 260 48.24 16.93 13.96
N SER B 261 48.22 17.80 14.96
CA SER B 261 47.02 18.61 15.24
C SER B 261 46.63 19.39 14.00
N LYS B 262 45.34 19.59 13.76
CA LYS B 262 44.99 20.34 12.55
C LYS B 262 44.32 21.66 12.85
N ARG B 263 43.59 21.70 13.96
CA ARG B 263 42.90 22.89 14.42
C ARG B 263 43.23 23.15 15.88
N ALA B 264 43.35 24.41 16.25
CA ALA B 264 43.68 24.74 17.62
C ALA B 264 42.54 25.55 18.17
N VAL B 265 42.39 25.52 19.49
CA VAL B 265 41.45 26.43 20.11
C VAL B 265 42.21 27.25 21.13
N ILE B 266 42.01 28.56 21.11
CA ILE B 266 42.62 29.47 22.07
C ILE B 266 41.57 29.89 23.08
N LEU B 267 41.87 29.66 24.35
CA LEU B 267 40.89 29.92 25.39
C LEU B 267 41.43 30.90 26.40
N ALA B 268 40.74 32.02 26.58
CA ALA B 268 41.28 33.06 27.43
C ALA B 268 40.29 33.70 28.38
N ALA B 269 40.76 34.02 29.59
CA ALA B 269 40.02 34.77 30.60
C ALA B 269 40.95 35.76 31.25
N ALA B 270 40.45 36.96 31.51
CA ALA B 270 41.26 38.02 32.05
C ALA B 270 40.35 38.99 32.78
N TRP B 271 40.81 39.49 33.93
CA TRP B 271 40.05 40.48 34.67
C TRP B 271 40.26 41.84 34.05
N LEU B 272 39.16 42.59 33.98
CA LEU B 272 39.17 44.03 33.75
C LEU B 272 38.16 44.61 34.75
N GLY B 273 38.62 45.53 35.58
CA GLY B 273 37.76 46.00 36.66
C GLY B 273 37.12 44.81 37.36
N GLN B 274 35.79 44.85 37.51
CA GLN B 274 35.05 43.85 38.28
C GLN B 274 34.56 42.76 37.36
N ALA B 275 35.03 42.82 36.12
CA ALA B 275 34.56 41.93 35.06
C ALA B 275 35.60 40.89 34.68
N ARG B 276 35.27 39.61 34.79
CA ARG B 276 36.20 38.58 34.31
C ARG B 276 35.87 38.26 32.87
N LEU B 277 36.56 38.93 31.95
CA LEU B 277 36.27 38.78 30.53
C LEU B 277 36.65 37.40 30.02
N ILE B 278 35.89 36.91 29.07
CA ILE B 278 36.13 35.55 28.66
C ILE B 278 35.96 35.47 27.14
N ASP B 279 36.80 34.70 26.48
CA ASP B 279 36.78 34.60 25.03
C ASP B 279 37.45 33.32 24.48
N ASN B 280 37.00 32.86 23.32
CA ASN B 280 37.68 31.77 22.64
C ASN B 280 37.72 31.97 21.14
N GLN B 281 38.58 31.23 20.46
CA GLN B 281 38.82 31.46 19.05
C GLN B 281 39.45 30.22 18.40
N SER B 282 38.93 29.81 17.26
CA SER B 282 39.47 28.63 16.59
C SER B 282 40.54 29.01 15.60
N VAL B 283 41.50 28.11 15.41
CA VAL B 283 42.55 28.35 14.45
C VAL B 283 42.77 27.12 13.61
N THR B 284 42.81 27.33 12.30
CA THR B 284 43.10 26.28 11.33
C THR B 284 44.58 26.21 11.06
N LEU B 285 45.19 25.07 11.40
CA LEU B 285 46.63 24.91 11.27
C LEU B 285 47.09 24.63 9.83
N ALA B 286 47.99 25.48 9.35
CA ALA B 286 48.47 25.41 7.97
C ALA B 286 49.44 24.25 7.78
N ALA C 3 -2.37 -26.02 -1.78
CA ALA C 3 -1.38 -25.54 -2.75
C ALA C 3 -1.94 -24.32 -3.41
N MET C 4 -1.70 -24.20 -4.70
CA MET C 4 -2.56 -23.36 -5.56
C MET C 4 -3.40 -24.18 -6.53
N LEU C 5 -4.37 -23.54 -7.19
CA LEU C 5 -5.29 -24.23 -8.09
C LEU C 5 -5.64 -23.41 -9.33
N ILE C 6 -5.50 -24.02 -10.50
CA ILE C 6 -5.87 -23.34 -11.74
C ILE C 6 -7.22 -23.87 -12.18
N ILE C 7 -8.09 -22.98 -12.67
CA ILE C 7 -9.40 -23.41 -13.17
C ILE C 7 -9.66 -22.89 -14.57
N GLU C 8 -10.12 -23.76 -15.46
CA GLU C 8 -10.34 -23.38 -16.86
C GLU C 8 -11.81 -23.45 -17.25
N THR C 9 -12.67 -23.95 -16.35
CA THR C 9 -14.08 -24.14 -16.69
C THR C 9 -15.09 -23.41 -15.77
N LEU C 10 -16.24 -23.08 -16.35
CA LEU C 10 -17.24 -22.35 -15.59
C LEU C 10 -17.83 -23.17 -14.45
N PRO C 11 -18.25 -24.42 -14.74
CA PRO C 11 -18.94 -25.16 -13.69
C PRO C 11 -18.07 -25.35 -12.44
N LEU C 12 -16.78 -25.64 -12.65
N LEU C 12 -16.79 -25.68 -12.65
CA LEU C 12 -15.87 -25.90 -11.54
CA LEU C 12 -15.90 -25.89 -11.52
C LEU C 12 -15.45 -24.62 -10.80
C LEU C 12 -15.76 -24.59 -10.72
N LEU C 13 -15.68 -23.47 -11.41
CA LEU C 13 -15.47 -22.19 -10.76
C LEU C 13 -16.61 -21.89 -9.81
N ARG C 14 -17.83 -22.10 -10.29
N ARG C 14 -17.82 -22.14 -10.29
CA ARG C 14 -19.00 -21.93 -9.44
CA ARG C 14 -19.00 -21.94 -9.48
C ARG C 14 -18.96 -22.84 -8.23
C ARG C 14 -18.99 -22.84 -8.27
N GLN C 15 -18.41 -24.03 -8.38
CA GLN C 15 -18.45 -24.97 -7.27
C GLN C 15 -17.59 -24.40 -6.14
N HIS C 16 -16.46 -23.81 -6.51
CA HIS C 16 -15.54 -23.26 -5.53
C HIS C 16 -16.04 -21.94 -4.95
N ILE C 17 -16.65 -21.11 -5.79
CA ILE C 17 -17.24 -19.88 -5.28
C ILE C 17 -18.27 -20.24 -4.21
N ARG C 18 -19.28 -21.02 -4.58
CA ARG C 18 -20.33 -21.43 -3.65
C ARG C 18 -19.77 -21.95 -2.33
N ARG C 19 -18.67 -22.69 -2.43
CA ARG C 19 -18.03 -23.28 -1.26
C ARG C 19 -17.39 -22.18 -0.43
N LEU C 20 -16.56 -21.37 -1.08
CA LEU C 20 -15.98 -20.23 -0.40
C LEU C 20 -17.08 -19.39 0.24
N ARG C 21 -18.08 -19.04 -0.55
CA ARG C 21 -19.18 -18.24 -0.03
C ARG C 21 -19.75 -18.86 1.24
N GLN C 22 -19.92 -20.18 1.25
CA GLN C 22 -20.53 -20.86 2.38
C GLN C 22 -19.63 -20.86 3.60
N GLU C 23 -18.33 -20.73 3.39
CA GLU C 23 -17.35 -20.74 4.47
C GLU C 23 -17.18 -19.38 5.16
N GLY C 24 -17.90 -18.37 4.68
CA GLY C 24 -17.74 -17.03 5.19
C GLY C 24 -16.37 -16.40 4.93
N LYS C 25 -15.75 -16.77 3.83
CA LYS C 25 -14.44 -16.22 3.50
C LYS C 25 -14.58 -15.00 2.58
N ARG C 26 -13.72 -14.01 2.80
CA ARG C 26 -13.64 -12.84 1.95
C ARG C 26 -12.85 -13.16 0.73
N VAL C 27 -13.39 -12.87 -0.43
CA VAL C 27 -12.71 -13.18 -1.67
C VAL C 27 -12.33 -11.90 -2.42
N ALA C 28 -11.07 -11.80 -2.82
CA ALA C 28 -10.67 -10.70 -3.72
C ALA C 28 -10.33 -11.21 -5.10
N LEU C 29 -10.86 -10.53 -6.11
CA LEU C 29 -10.60 -10.80 -7.52
C LEU C 29 -9.62 -9.78 -8.13
N VAL C 30 -8.73 -10.24 -9.01
CA VAL C 30 -7.79 -9.40 -9.75
C VAL C 30 -7.84 -9.74 -11.22
N PRO C 31 -8.61 -8.99 -12.02
CA PRO C 31 -8.71 -9.37 -13.43
C PRO C 31 -7.54 -8.83 -14.25
N THR C 32 -7.02 -9.67 -15.15
CA THR C 32 -5.84 -9.34 -15.94
C THR C 32 -5.95 -10.01 -17.30
N MET C 33 -5.06 -9.65 -18.23
CA MET C 33 -5.07 -10.33 -19.52
C MET C 33 -3.77 -11.07 -19.74
N GLY C 34 -3.23 -11.58 -18.64
CA GLY C 34 -2.00 -12.34 -18.71
C GLY C 34 -0.76 -11.54 -19.07
N ASN C 35 0.31 -12.26 -19.40
CA ASN C 35 1.59 -11.62 -19.61
C ASN C 35 1.89 -10.70 -18.42
N LEU C 36 2.06 -11.30 -17.25
CA LEU C 36 2.15 -10.55 -16.00
C LEU C 36 3.55 -10.10 -15.64
N HIS C 37 3.60 -8.97 -14.95
CA HIS C 37 4.83 -8.38 -14.45
C HIS C 37 4.56 -7.79 -13.05
N ASP C 38 5.44 -6.93 -12.57
CA ASP C 38 5.40 -6.60 -11.14
C ASP C 38 4.25 -5.67 -10.83
N GLY C 39 3.69 -5.04 -11.87
CA GLY C 39 2.53 -4.22 -11.65
C GLY C 39 1.45 -5.14 -11.10
N HIS C 40 1.33 -6.28 -11.76
CA HIS C 40 0.37 -7.27 -11.36
C HIS C 40 0.68 -7.85 -9.98
N MET C 41 1.95 -8.12 -9.69
CA MET C 41 2.26 -8.72 -8.41
C MET C 41 1.82 -7.78 -7.30
N LYS C 42 1.71 -6.50 -7.62
CA LYS C 42 1.41 -5.52 -6.60
C LYS C 42 -0.07 -5.55 -6.35
N LEU C 43 -0.84 -5.72 -7.43
CA LEU C 43 -2.29 -5.91 -7.32
C LEU C 43 -2.62 -7.14 -6.45
N VAL C 44 -1.89 -8.21 -6.70
CA VAL C 44 -2.05 -9.42 -5.94
C VAL C 44 -1.71 -9.14 -4.49
N ASP C 45 -0.56 -8.51 -4.25
CA ASP C 45 -0.20 -8.19 -2.87
C ASP C 45 -1.33 -7.46 -2.14
N GLU C 46 -1.92 -6.46 -2.80
CA GLU C 46 -2.99 -5.65 -2.21
C GLU C 46 -4.24 -6.47 -1.97
N ALA C 47 -4.54 -7.39 -2.89
CA ALA C 47 -5.64 -8.32 -2.69
C ALA C 47 -5.38 -9.18 -1.44
N LYS C 48 -4.27 -9.91 -1.43
CA LYS C 48 -3.92 -10.76 -0.31
C LYS C 48 -4.01 -10.01 1.01
N ALA C 49 -3.71 -8.72 0.99
CA ALA C 49 -3.70 -7.92 2.20
C ALA C 49 -5.10 -7.59 2.72
N ARG C 50 -6.11 -7.57 1.83
CA ARG C 50 -7.46 -7.11 2.18
C ARG C 50 -8.53 -8.19 2.11
N ALA C 51 -8.11 -9.44 1.97
CA ALA C 51 -9.08 -10.55 1.94
C ALA C 51 -8.45 -11.89 2.31
N ASP C 52 -9.31 -12.88 2.54
CA ASP C 52 -8.86 -14.21 2.94
C ASP C 52 -8.32 -15.00 1.76
N VAL C 53 -8.92 -14.79 0.60
CA VAL C 53 -8.57 -15.56 -0.57
C VAL C 53 -8.43 -14.64 -1.77
N VAL C 54 -7.53 -14.98 -2.68
CA VAL C 54 -7.32 -14.15 -3.85
C VAL C 54 -7.50 -14.98 -5.12
N ILE C 55 -8.31 -14.48 -6.03
CA ILE C 55 -8.48 -15.18 -7.30
C ILE C 55 -7.93 -14.28 -8.37
N VAL C 56 -7.05 -14.80 -9.22
CA VAL C 56 -6.59 -14.01 -10.34
C VAL C 56 -7.11 -14.61 -11.62
N SER C 57 -7.80 -13.80 -12.42
CA SER C 57 -8.29 -14.27 -13.72
C SER C 57 -7.34 -13.84 -14.82
N ILE C 58 -6.95 -14.80 -15.66
CA ILE C 58 -6.18 -14.49 -16.84
C ILE C 58 -6.99 -14.78 -18.07
N PHE C 59 -7.29 -13.72 -18.82
CA PHE C 59 -8.17 -13.86 -19.95
C PHE C 59 -8.07 -12.74 -20.96
N VAL C 60 -7.47 -13.04 -22.10
CA VAL C 60 -7.46 -12.13 -23.23
C VAL C 60 -8.86 -12.06 -23.81
N ASN C 61 -9.55 -10.97 -23.48
CA ASN C 61 -10.93 -10.78 -23.88
C ASN C 61 -11.04 -10.16 -25.26
N PRO C 62 -11.41 -10.97 -26.24
CA PRO C 62 -11.49 -10.51 -27.63
C PRO C 62 -12.26 -9.20 -27.69
N MET C 63 -13.36 -9.14 -26.95
CA MET C 63 -14.36 -8.08 -27.11
C MET C 63 -13.89 -6.66 -26.86
N GLN C 64 -12.72 -6.51 -26.23
CA GLN C 64 -12.17 -5.20 -25.91
C GLN C 64 -11.01 -4.86 -26.82
N PHE C 65 -11.04 -5.36 -28.05
CA PHE C 65 -10.02 -5.04 -29.04
C PHE C 65 -10.65 -4.43 -30.30
N ASP C 66 -10.30 -3.18 -30.57
CA ASP C 66 -10.82 -2.48 -31.75
C ASP C 66 -10.11 -2.95 -33.02
N ARG C 67 -8.78 -2.87 -33.01
CA ARG C 67 -7.98 -3.41 -34.11
C ARG C 67 -7.73 -4.91 -33.90
N PRO C 68 -8.38 -5.73 -34.72
CA PRO C 68 -8.43 -7.16 -34.48
C PRO C 68 -7.10 -7.84 -34.78
N ASP C 69 -6.32 -7.24 -35.67
CA ASP C 69 -4.95 -7.70 -35.91
C ASP C 69 -4.17 -7.51 -34.62
N ASP C 70 -4.52 -6.46 -33.88
CA ASP C 70 -3.87 -6.15 -32.61
C ASP C 70 -3.98 -7.35 -31.67
N LEU C 71 -5.00 -8.18 -31.89
CA LEU C 71 -5.37 -9.22 -30.93
C LEU C 71 -4.68 -10.57 -31.11
N VAL C 72 -4.07 -10.80 -32.28
CA VAL C 72 -3.30 -12.01 -32.46
C VAL C 72 -1.89 -11.82 -31.91
N ARG C 73 -1.40 -10.59 -32.04
CA ARG C 73 -0.05 -10.24 -31.64
C ARG C 73 0.01 -9.83 -30.17
N TYR C 74 -1.01 -10.19 -29.40
CA TYR C 74 -1.01 -9.97 -27.95
C TYR C 74 -0.31 -11.15 -27.27
N PRO C 75 0.62 -10.86 -26.36
CA PRO C 75 1.42 -11.90 -25.70
C PRO C 75 0.60 -12.96 -24.96
N ARG C 76 1.12 -14.19 -25.00
CA ARG C 76 0.57 -15.27 -24.20
C ARG C 76 1.72 -15.93 -23.45
N THR C 77 1.61 -15.99 -22.13
CA THR C 77 2.68 -16.51 -21.31
C THR C 77 2.10 -17.25 -20.11
N LEU C 78 1.04 -18.00 -20.34
CA LEU C 78 0.31 -18.62 -19.24
C LEU C 78 1.24 -19.31 -18.25
N GLN C 79 2.20 -20.08 -18.76
CA GLN C 79 3.06 -20.89 -17.89
C GLN C 79 3.87 -20.01 -16.97
N GLU C 80 4.49 -18.99 -17.54
CA GLU C 80 5.22 -18.01 -16.73
C GLU C 80 4.32 -17.25 -15.77
N ASP C 81 3.07 -17.01 -16.20
CA ASP C 81 2.13 -16.24 -15.38
C ASP C 81 1.84 -16.95 -14.06
N CYS C 82 1.55 -18.24 -14.14
CA CYS C 82 1.23 -19.01 -12.95
C CYS C 82 2.44 -19.26 -12.05
N GLU C 83 3.62 -19.39 -12.64
CA GLU C 83 4.80 -19.54 -11.81
C GLU C 83 4.92 -18.33 -10.90
N LYS C 84 4.72 -17.12 -11.46
CA LYS C 84 4.74 -15.91 -10.64
C LYS C 84 3.60 -15.91 -9.60
N LEU C 85 2.37 -16.12 -10.04
CA LEU C 85 1.23 -16.12 -9.13
C LEU C 85 1.40 -17.10 -7.99
N ASN C 86 2.00 -18.25 -8.27
CA ASN C 86 2.22 -19.24 -7.24
C ASN C 86 3.29 -18.79 -6.25
N LYS C 87 4.36 -18.16 -6.72
CA LYS C 87 5.42 -17.69 -5.85
C LYS C 87 4.84 -16.67 -4.88
N ARG C 88 3.59 -16.31 -5.11
CA ARG C 88 2.97 -15.24 -4.35
C ARG C 88 1.74 -15.68 -3.57
N LYS C 89 1.63 -16.98 -3.32
CA LYS C 89 0.59 -17.50 -2.49
C LYS C 89 -0.81 -17.06 -2.96
N VAL C 90 -1.02 -17.05 -4.28
CA VAL C 90 -2.35 -16.81 -4.83
C VAL C 90 -3.19 -18.08 -4.68
N ASP C 91 -4.41 -17.95 -4.20
CA ASP C 91 -5.24 -19.11 -3.94
C ASP C 91 -5.74 -19.78 -5.23
N TYR C 92 -6.44 -19.02 -6.06
CA TYR C 92 -6.98 -19.53 -7.31
C TYR C 92 -6.57 -18.71 -8.54
N VAL C 93 -6.26 -19.41 -9.63
CA VAL C 93 -6.21 -18.76 -10.94
C VAL C 93 -7.33 -19.28 -11.83
N PHE C 94 -8.04 -18.36 -12.46
CA PHE C 94 -9.09 -18.68 -13.42
C PHE C 94 -8.64 -18.30 -14.83
N ALA C 95 -8.46 -19.30 -15.67
CA ALA C 95 -7.98 -19.07 -17.02
C ALA C 95 -8.83 -19.89 -17.99
N PRO C 96 -9.96 -19.32 -18.41
CA PRO C 96 -10.86 -19.96 -19.35
C PRO C 96 -10.37 -19.86 -20.79
N ALA C 97 -10.92 -20.70 -21.64
CA ALA C 97 -10.66 -20.62 -23.07
C ALA C 97 -11.76 -19.78 -23.72
N VAL C 98 -11.42 -19.07 -24.78
CA VAL C 98 -12.36 -18.18 -25.45
C VAL C 98 -13.75 -18.81 -25.69
N GLU C 99 -13.77 -20.09 -26.04
CA GLU C 99 -15.01 -20.78 -26.35
C GLU C 99 -15.79 -21.17 -25.10
N GLU C 100 -15.15 -21.05 -23.94
CA GLU C 100 -15.84 -21.31 -22.67
C GLU C 100 -16.54 -20.03 -22.27
N ILE C 101 -15.97 -18.90 -22.68
CA ILE C 101 -16.55 -17.61 -22.34
C ILE C 101 -17.55 -17.11 -23.38
N TYR C 102 -17.22 -17.33 -24.64
CA TYR C 102 -18.07 -16.95 -25.77
C TYR C 102 -18.36 -18.15 -26.63
N PRO C 103 -19.16 -19.08 -26.12
CA PRO C 103 -19.43 -20.28 -26.90
C PRO C 103 -19.84 -19.94 -28.33
N HIS C 104 -20.47 -18.81 -28.60
CA HIS C 104 -20.93 -18.56 -29.96
C HIS C 104 -20.52 -17.24 -30.52
N GLY C 105 -19.25 -16.89 -30.33
CA GLY C 105 -18.72 -15.64 -30.81
C GLY C 105 -19.30 -14.44 -30.11
N LEU C 106 -18.96 -13.24 -30.58
CA LEU C 106 -19.44 -12.00 -29.97
C LEU C 106 -20.72 -11.52 -30.64
N GLU C 107 -21.15 -12.23 -31.67
CA GLU C 107 -22.17 -11.73 -32.57
C GLU C 107 -23.42 -11.27 -31.81
N GLY C 108 -23.98 -12.18 -31.02
CA GLY C 108 -25.20 -11.90 -30.30
C GLY C 108 -24.98 -11.71 -28.81
N GLN C 109 -23.83 -11.12 -28.47
CA GLN C 109 -23.38 -11.08 -27.08
C GLN C 109 -24.00 -9.90 -26.33
N THR C 110 -24.77 -10.20 -25.29
CA THR C 110 -25.28 -9.17 -24.40
C THR C 110 -24.13 -8.33 -23.85
N TYR C 111 -24.31 -7.01 -23.79
CA TYR C 111 -23.23 -6.17 -23.32
C TYR C 111 -23.63 -5.15 -22.27
N VAL C 112 -22.65 -4.68 -21.50
CA VAL C 112 -22.90 -3.67 -20.50
C VAL C 112 -22.18 -2.41 -20.94
N ASP C 113 -22.86 -1.28 -20.92
CA ASP C 113 -22.23 -0.05 -21.38
C ASP C 113 -22.47 1.08 -20.38
N VAL C 114 -21.36 1.71 -19.97
CA VAL C 114 -21.42 2.94 -19.20
C VAL C 114 -21.36 4.11 -20.16
N PRO C 115 -22.44 4.87 -20.26
CA PRO C 115 -22.53 6.06 -21.14
C PRO C 115 -21.56 7.15 -20.72
N GLY C 116 -21.06 7.92 -21.69
CA GLY C 116 -20.18 9.05 -21.43
C GLY C 116 -18.74 8.65 -21.21
N LEU C 117 -18.52 7.80 -20.23
CA LEU C 117 -17.16 7.40 -19.93
C LEU C 117 -16.58 6.52 -21.03
N SER C 118 -17.42 5.81 -21.77
CA SER C 118 -16.92 4.76 -22.64
C SER C 118 -16.49 5.32 -23.99
N THR C 119 -16.79 6.59 -24.19
CA THR C 119 -16.62 7.17 -25.51
C THR C 119 -15.81 8.47 -25.52
N MET C 120 -15.50 9.02 -24.34
CA MET C 120 -14.65 10.19 -24.25
C MET C 120 -13.17 9.77 -24.10
N LEU C 121 -12.27 10.68 -24.42
CA LEU C 121 -10.83 10.44 -24.26
C LEU C 121 -10.36 9.20 -25.01
N GLU C 122 -9.62 8.32 -24.34
CA GLU C 122 -9.04 7.15 -25.01
C GLU C 122 -10.08 6.35 -25.81
N GLY C 123 -11.34 6.40 -25.38
CA GLY C 123 -12.42 5.70 -26.05
C GLY C 123 -13.03 6.48 -27.19
N ALA C 124 -12.59 7.73 -27.35
CA ALA C 124 -13.14 8.58 -28.40
C ALA C 124 -13.01 7.84 -29.72
N SER C 125 -11.81 7.30 -29.93
CA SER C 125 -11.42 6.64 -31.16
C SER C 125 -11.37 5.13 -30.97
N ARG C 126 -11.64 4.67 -29.76
CA ARG C 126 -11.60 3.24 -29.51
C ARG C 126 -13.01 2.71 -29.30
N PRO C 127 -13.76 2.58 -30.40
CA PRO C 127 -15.18 2.22 -30.31
C PRO C 127 -15.37 0.84 -29.69
N GLY C 128 -16.37 0.72 -28.83
CA GLY C 128 -16.73 -0.56 -28.25
C GLY C 128 -15.64 -1.27 -27.47
N HIS C 129 -14.60 -0.53 -27.11
CA HIS C 129 -13.47 -1.07 -26.37
C HIS C 129 -13.80 -1.10 -24.89
N PHE C 130 -14.01 0.08 -24.31
CA PHE C 130 -14.38 0.14 -22.92
C PHE C 130 -15.67 -0.67 -22.71
N ARG C 131 -16.47 -0.75 -23.75
CA ARG C 131 -17.69 -1.54 -23.69
C ARG C 131 -17.32 -3.01 -23.51
N GLY C 132 -16.25 -3.43 -24.19
CA GLY C 132 -15.72 -4.76 -24.00
C GLY C 132 -15.26 -4.92 -22.56
N VAL C 133 -14.79 -3.83 -21.97
CA VAL C 133 -14.19 -3.91 -20.65
C VAL C 133 -15.26 -4.14 -19.62
N SER C 134 -16.21 -3.21 -19.56
CA SER C 134 -17.27 -3.30 -18.56
C SER C 134 -18.05 -4.60 -18.73
N THR C 135 -18.14 -5.09 -19.95
CA THR C 135 -18.85 -6.34 -20.14
C THR C 135 -18.13 -7.50 -19.46
N ILE C 136 -16.87 -7.73 -19.81
CA ILE C 136 -16.15 -8.87 -19.24
C ILE C 136 -16.05 -8.77 -17.73
N VAL C 137 -16.03 -7.55 -17.19
CA VAL C 137 -15.90 -7.43 -15.77
C VAL C 137 -17.23 -7.82 -15.12
N SER C 138 -18.33 -7.41 -15.75
CA SER C 138 -19.65 -7.77 -15.25
C SER C 138 -19.84 -9.29 -15.28
N LYS C 139 -19.49 -9.92 -16.37
CA LYS C 139 -19.54 -11.36 -16.40
C LYS C 139 -18.73 -11.92 -15.22
N LEU C 140 -17.48 -11.53 -15.13
CA LEU C 140 -16.63 -11.99 -14.04
C LEU C 140 -17.27 -11.77 -12.65
N PHE C 141 -17.81 -10.58 -12.41
CA PHE C 141 -18.35 -10.29 -11.09
C PHE C 141 -19.54 -11.22 -10.83
N ASN C 142 -20.30 -11.48 -11.88
CA ASN C 142 -21.46 -12.31 -11.75
C ASN C 142 -21.00 -13.73 -11.49
N LEU C 143 -19.97 -14.15 -12.24
CA LEU C 143 -19.40 -15.47 -12.05
C LEU C 143 -18.88 -15.66 -10.64
N ILE C 144 -18.27 -14.62 -10.08
CA ILE C 144 -17.37 -14.82 -8.94
C ILE C 144 -17.86 -14.23 -7.62
N GLN C 145 -18.67 -13.21 -7.71
CA GLN C 145 -19.22 -12.59 -6.51
C GLN C 145 -18.15 -12.26 -5.48
N PRO C 146 -17.04 -11.64 -5.92
CA PRO C 146 -15.95 -11.26 -5.01
C PRO C 146 -16.42 -10.17 -4.07
N ASP C 147 -15.75 -10.02 -2.94
CA ASP C 147 -16.10 -8.95 -2.01
C ASP C 147 -15.36 -7.69 -2.39
N ILE C 148 -14.30 -7.89 -3.18
CA ILE C 148 -13.24 -6.92 -3.43
C ILE C 148 -12.65 -7.19 -4.80
N ALA C 149 -12.36 -6.13 -5.53
CA ALA C 149 -11.66 -6.26 -6.82
C ALA C 149 -10.61 -5.16 -6.99
N CYS C 150 -9.38 -5.54 -7.31
CA CYS C 150 -8.27 -4.59 -7.48
C CYS C 150 -7.98 -4.18 -8.93
N PHE C 151 -7.81 -2.89 -9.18
CA PHE C 151 -7.41 -2.41 -10.50
C PHE C 151 -6.24 -1.43 -10.38
N GLY C 152 -5.41 -1.39 -11.41
CA GLY C 152 -4.30 -0.46 -11.37
C GLY C 152 -4.69 1.00 -11.60
N GLU C 153 -4.14 1.91 -10.80
CA GLU C 153 -4.38 3.34 -11.02
C GLU C 153 -3.81 3.84 -12.35
N LYS C 154 -2.94 3.08 -12.99
CA LYS C 154 -2.39 3.58 -14.24
C LYS C 154 -3.50 3.79 -15.26
N ASP C 155 -4.38 2.81 -15.40
CA ASP C 155 -5.46 2.90 -16.39
C ASP C 155 -6.69 3.56 -15.78
N PHE C 156 -6.58 4.87 -15.55
CA PHE C 156 -7.59 5.63 -14.83
C PHE C 156 -8.97 5.50 -15.48
N GLN C 157 -9.02 5.50 -16.80
CA GLN C 157 -10.31 5.42 -17.48
C GLN C 157 -11.07 4.16 -17.13
N GLN C 158 -10.34 3.04 -17.04
CA GLN C 158 -10.92 1.77 -16.64
C GLN C 158 -11.46 1.86 -15.21
N LEU C 159 -10.63 2.41 -14.33
CA LEU C 159 -11.00 2.55 -12.94
C LEU C 159 -12.29 3.38 -12.78
N ALA C 160 -12.42 4.45 -13.55
CA ALA C 160 -13.59 5.32 -13.43
C ALA C 160 -14.80 4.61 -14.02
N LEU C 161 -14.58 3.96 -15.15
CA LEU C 161 -15.58 3.10 -15.77
C LEU C 161 -16.16 2.05 -14.80
N ILE C 162 -15.30 1.22 -14.22
CA ILE C 162 -15.82 0.17 -13.35
C ILE C 162 -16.53 0.77 -12.11
N ARG C 163 -15.96 1.82 -11.52
CA ARG C 163 -16.58 2.41 -10.34
C ARG C 163 -17.99 2.84 -10.68
N LYS C 164 -18.15 3.44 -11.86
CA LYS C 164 -19.47 3.88 -12.31
C LYS C 164 -20.41 2.70 -12.49
N MET C 165 -19.96 1.68 -13.20
CA MET C 165 -20.77 0.48 -13.46
C MET C 165 -21.19 -0.14 -12.14
N VAL C 166 -20.21 -0.36 -11.28
CA VAL C 166 -20.46 -0.99 -9.99
C VAL C 166 -21.51 -0.21 -9.19
N ALA C 167 -21.48 1.11 -9.28
CA ALA C 167 -22.53 1.87 -8.60
C ALA C 167 -23.88 1.75 -9.30
N ASP C 168 -23.95 2.15 -10.56
CA ASP C 168 -25.20 2.12 -11.29
C ASP C 168 -25.82 0.71 -11.27
N MET C 169 -25.00 -0.31 -11.37
CA MET C 169 -25.55 -1.65 -11.47
C MET C 169 -25.74 -2.33 -10.10
N SER C 170 -25.54 -1.59 -9.02
CA SER C 170 -25.70 -2.15 -7.67
C SER C 170 -24.89 -3.43 -7.39
N TYR C 171 -23.61 -3.43 -7.74
CA TYR C 171 -22.70 -4.48 -7.27
C TYR C 171 -22.20 -4.15 -5.87
N ASP C 172 -22.32 -5.10 -4.94
CA ASP C 172 -21.81 -4.92 -3.58
C ASP C 172 -20.35 -5.33 -3.49
N ILE C 173 -19.54 -4.75 -4.37
CA ILE C 173 -18.13 -5.09 -4.50
C ILE C 173 -17.25 -3.84 -4.29
N GLU C 174 -16.22 -3.96 -3.47
CA GLU C 174 -15.31 -2.83 -3.23
C GLU C 174 -14.23 -2.73 -4.30
N ILE C 175 -14.22 -1.62 -5.02
CA ILE C 175 -13.20 -1.40 -6.04
C ILE C 175 -12.01 -0.73 -5.39
N VAL C 176 -10.87 -1.38 -5.47
CA VAL C 176 -9.67 -0.88 -4.84
C VAL C 176 -8.73 -0.44 -5.93
N GLY C 177 -8.38 0.83 -5.93
CA GLY C 177 -7.43 1.34 -6.92
C GLY C 177 -6.03 1.19 -6.37
N VAL C 178 -5.15 0.52 -7.10
CA VAL C 178 -3.80 0.32 -6.59
C VAL C 178 -2.79 1.29 -7.21
N PRO C 179 -2.18 2.12 -6.36
CA PRO C 179 -1.13 3.08 -6.78
C PRO C 179 -0.07 2.35 -7.57
N ILE C 180 0.49 2.96 -8.63
CA ILE C 180 1.55 2.28 -9.41
C ILE C 180 2.87 2.15 -8.66
N ILE C 181 3.70 1.25 -9.16
CA ILE C 181 5.06 1.18 -8.68
C ILE C 181 5.89 2.37 -9.17
N ARG C 182 6.53 3.04 -8.21
CA ARG C 182 7.44 4.12 -8.50
C ARG C 182 8.88 3.80 -8.08
N ALA C 183 9.81 4.60 -8.58
CA ALA C 183 11.19 4.48 -8.15
C ALA C 183 11.37 5.26 -6.86
N LYS C 184 12.45 4.97 -6.14
CA LYS C 184 12.74 5.72 -4.94
C LYS C 184 12.58 7.23 -5.18
N ASP C 185 12.94 7.72 -6.37
CA ASP C 185 12.77 9.16 -6.67
C ASP C 185 11.40 9.58 -7.24
N GLY C 186 10.49 8.63 -7.41
CA GLY C 186 9.14 8.96 -7.80
C GLY C 186 8.75 8.65 -9.24
N LEU C 187 9.75 8.50 -10.11
CA LEU C 187 9.52 8.15 -11.50
C LEU C 187 8.68 6.89 -11.61
N ALA C 188 7.64 6.95 -12.42
CA ALA C 188 6.80 5.80 -12.66
C ALA C 188 7.61 4.80 -13.44
N LEU C 189 7.56 3.53 -13.03
CA LEU C 189 8.28 2.44 -13.68
C LEU C 189 7.52 1.88 -14.85
N SER C 190 8.25 1.65 -15.94
CA SER C 190 7.68 1.29 -17.22
C SER C 190 8.80 0.64 -18.02
N SER C 191 8.49 -0.44 -18.75
CA SER C 191 9.56 -1.20 -19.41
C SER C 191 10.33 -0.39 -20.45
N ARG C 192 9.95 0.89 -20.64
CA ARG C 192 10.66 1.81 -21.53
C ARG C 192 11.89 2.53 -20.89
N ASN C 193 11.75 2.89 -19.62
CA ASN C 193 12.78 3.57 -18.81
C ASN C 193 14.22 3.07 -18.98
N ALA C 194 14.35 1.78 -19.28
CA ALA C 194 15.65 1.15 -19.51
C ALA C 194 16.45 1.94 -20.55
N TYR C 195 15.76 2.61 -21.46
CA TYR C 195 16.46 3.27 -22.56
C TYR C 195 16.33 4.80 -22.65
N LEU C 196 15.96 5.43 -21.53
CA LEU C 196 16.29 6.83 -21.31
C LEU C 196 17.82 6.98 -21.15
N THR C 197 18.37 8.11 -21.56
CA THR C 197 19.79 8.35 -21.34
C THR C 197 20.04 8.66 -19.86
N ALA C 198 21.29 8.57 -19.42
CA ALA C 198 21.61 8.92 -18.03
C ALA C 198 21.07 10.30 -17.66
N GLU C 199 21.34 11.26 -18.54
CA GLU C 199 20.90 12.63 -18.35
C GLU C 199 19.36 12.77 -18.29
N GLN C 200 18.62 12.02 -19.11
CA GLN C 200 17.18 12.16 -19.05
C GLN C 200 16.69 11.50 -17.78
N ARG C 201 17.37 10.43 -17.35
CA ARG C 201 16.94 9.72 -16.15
C ARG C 201 17.01 10.62 -14.92
N LYS C 202 18.00 11.50 -14.84
CA LYS C 202 18.10 12.48 -13.77
C LYS C 202 16.91 13.45 -13.78
N ILE C 203 16.49 13.85 -14.97
CA ILE C 203 15.43 14.83 -15.10
C ILE C 203 14.02 14.25 -14.93
N ALA C 204 13.85 12.98 -15.26
CA ALA C 204 12.51 12.37 -15.29
C ALA C 204 11.67 12.52 -14.03
N PRO C 205 12.25 12.45 -12.82
CA PRO C 205 11.40 12.55 -11.62
C PRO C 205 10.67 13.88 -11.47
N GLY C 206 11.01 14.87 -12.28
CA GLY C 206 10.32 16.13 -12.20
C GLY C 206 8.88 16.11 -12.66
N LEU C 207 8.51 15.11 -13.44
CA LEU C 207 7.13 15.04 -13.86
C LEU C 207 6.29 14.72 -12.64
N TYR C 208 6.70 13.70 -11.87
CA TYR C 208 6.07 13.42 -10.59
C TYR C 208 6.08 14.63 -9.64
N ASN C 209 7.27 15.17 -9.38
CA ASN C 209 7.42 16.36 -8.54
C ASN C 209 6.44 17.46 -8.90
N VAL C 210 6.36 17.77 -10.19
CA VAL C 210 5.43 18.81 -10.60
C VAL C 210 3.96 18.39 -10.39
N MET C 211 3.62 17.13 -10.66
CA MET C 211 2.26 16.70 -10.36
C MET C 211 1.94 16.91 -8.89
N ASN C 212 2.81 16.44 -8.00
CA ASN C 212 2.59 16.57 -6.57
C ASN C 212 2.35 18.01 -6.16
N SER C 213 3.11 18.92 -6.76
CA SER C 213 2.93 20.35 -6.50
C SER C 213 1.49 20.79 -6.80
N ILE C 214 1.01 20.45 -7.99
CA ILE C 214 -0.39 20.67 -8.34
C ILE C 214 -1.32 20.06 -7.28
N ALA C 215 -1.05 18.81 -6.91
CA ALA C 215 -1.95 18.07 -6.04
C ALA C 215 -2.12 18.79 -4.70
N GLU C 216 -1.01 19.13 -4.06
CA GLU C 216 -1.03 19.87 -2.82
C GLU C 216 -1.85 21.16 -2.98
N LYS C 217 -1.63 21.90 -4.06
CA LYS C 217 -2.44 23.09 -4.31
C LYS C 217 -3.95 22.79 -4.29
N LEU C 218 -4.34 21.75 -5.01
CA LEU C 218 -5.73 21.32 -5.05
C LEU C 218 -6.25 21.04 -3.64
N ILE C 219 -5.45 20.34 -2.84
CA ILE C 219 -5.80 20.10 -1.45
C ILE C 219 -6.18 21.38 -0.73
N ALA C 220 -5.32 22.39 -0.84
CA ALA C 220 -5.52 23.65 -0.14
C ALA C 220 -6.53 24.54 -0.87
N GLY C 221 -7.51 23.92 -1.50
CA GLY C 221 -8.61 24.64 -2.09
C GLY C 221 -8.16 25.65 -3.13
N ASN C 222 -7.60 25.14 -4.22
CA ASN C 222 -7.32 25.98 -5.39
C ASN C 222 -8.03 25.46 -6.64
N ARG C 223 -8.95 26.26 -7.17
CA ARG C 223 -9.65 25.92 -8.40
C ARG C 223 -9.30 26.91 -9.51
N GLU C 224 -8.26 27.71 -9.28
CA GLU C 224 -7.65 28.49 -10.35
C GLU C 224 -6.87 27.60 -11.31
N LEU C 225 -7.58 26.77 -12.07
CA LEU C 225 -6.96 25.67 -12.80
C LEU C 225 -6.13 26.06 -14.03
N GLN C 226 -6.71 26.83 -14.94
CA GLN C 226 -5.98 27.35 -16.09
C GLN C 226 -4.61 27.86 -15.62
N GLU C 227 -4.59 28.39 -14.39
CA GLU C 227 -3.39 28.96 -13.76
C GLU C 227 -2.44 27.92 -13.17
N ILE C 228 -2.98 26.94 -12.46
CA ILE C 228 -2.11 25.97 -11.83
C ILE C 228 -1.35 25.20 -12.90
N ILE C 229 -2.00 25.02 -14.05
CA ILE C 229 -1.43 24.25 -15.15
C ILE C 229 -0.26 24.99 -15.82
N ALA C 230 -0.47 26.28 -16.11
CA ALA C 230 0.56 27.10 -16.73
C ALA C 230 1.83 27.12 -15.88
N ILE C 231 1.69 27.54 -14.61
CA ILE C 231 2.77 27.42 -13.64
C ILE C 231 3.47 26.06 -13.76
N ALA C 232 2.68 25.01 -13.89
CA ALA C 232 3.21 23.65 -13.94
C ALA C 232 4.02 23.42 -15.21
N GLU C 233 3.44 23.79 -16.36
CA GLU C 233 4.12 23.64 -17.63
C GLU C 233 5.40 24.48 -17.67
N GLN C 234 5.41 25.59 -16.95
CA GLN C 234 6.59 26.43 -16.85
C GLN C 234 7.69 25.75 -16.05
N GLU C 235 7.33 25.22 -14.89
CA GLU C 235 8.30 24.53 -14.03
C GLU C 235 8.90 23.33 -14.75
N LEU C 236 8.14 22.73 -15.66
CA LEU C 236 8.60 21.59 -16.42
C LEU C 236 9.66 22.00 -17.44
N ASN C 237 9.30 22.93 -18.32
CA ASN C 237 10.27 23.52 -19.23
C ASN C 237 11.53 23.99 -18.51
N GLU C 238 11.35 24.69 -17.40
CA GLU C 238 12.48 25.11 -16.57
C GLU C 238 13.39 23.94 -16.24
N LYS C 239 12.82 22.73 -16.27
CA LYS C 239 13.49 21.55 -15.74
C LYS C 239 14.21 20.78 -16.84
N GLY C 240 13.87 21.09 -18.08
CA GLY C 240 14.44 20.40 -19.23
C GLY C 240 13.40 19.62 -20.02
N PHE C 241 12.14 19.70 -19.59
CA PHE C 241 11.05 19.06 -20.33
C PHE C 241 10.52 20.02 -21.38
N ARG C 242 9.90 19.48 -22.43
CA ARG C 242 8.99 20.28 -23.27
C ARG C 242 7.55 19.81 -22.96
N ALA C 243 6.76 20.70 -22.35
CA ALA C 243 5.39 20.36 -21.94
C ALA C 243 4.55 19.83 -23.10
N ASP C 244 3.70 18.83 -22.84
CA ASP C 244 2.83 18.30 -23.88
C ASP C 244 1.38 18.54 -23.54
N ASP C 245 0.93 18.02 -22.40
CA ASP C 245 -0.46 18.18 -22.02
C ASP C 245 -0.74 17.87 -20.56
N ILE C 246 -1.33 18.83 -19.86
CA ILE C 246 -1.82 18.57 -18.50
C ILE C 246 -3.32 18.84 -18.35
N GLN C 247 -4.03 17.85 -17.85
CA GLN C 247 -5.45 18.00 -17.60
C GLN C 247 -5.78 17.76 -16.14
N ILE C 248 -6.72 18.54 -15.63
CA ILE C 248 -7.32 18.24 -14.34
C ILE C 248 -8.82 17.94 -14.51
N ARG C 249 -9.25 16.77 -14.07
N ARG C 249 -9.26 16.77 -14.06
CA ARG C 249 -10.64 16.38 -14.22
CA ARG C 249 -10.66 16.39 -14.25
C ARG C 249 -11.18 15.89 -12.91
C ARG C 249 -11.22 15.64 -13.07
N ASP C 250 -12.50 15.85 -12.78
CA ASP C 250 -13.13 15.13 -11.68
C ASP C 250 -12.81 13.66 -11.92
N ALA C 251 -12.54 12.90 -10.86
CA ALA C 251 -11.98 11.54 -11.02
C ALA C 251 -13.00 10.44 -11.35
N ASP C 252 -14.27 10.67 -11.01
CA ASP C 252 -15.32 9.69 -11.26
C ASP C 252 -16.09 10.03 -12.54
N THR C 253 -16.35 11.31 -12.69
CA THR C 253 -17.00 11.88 -13.85
C THR C 253 -16.10 11.90 -15.07
N LEU C 254 -14.80 12.06 -14.83
CA LEU C 254 -13.77 12.41 -15.83
C LEU C 254 -14.08 13.70 -16.57
N LEU C 255 -15.11 14.41 -16.13
CA LEU C 255 -15.36 15.72 -16.70
C LEU C 255 -14.74 16.79 -15.85
N GLU C 256 -15.20 18.00 -16.13
CA GLU C 256 -14.75 19.20 -15.47
C GLU C 256 -15.00 19.02 -13.99
N LEU C 257 -14.08 19.54 -13.17
CA LEU C 257 -14.33 19.58 -11.75
C LEU C 257 -15.56 20.44 -11.48
N THR C 258 -16.23 20.20 -10.35
CA THR C 258 -17.31 21.08 -9.94
C THR C 258 -17.11 21.44 -8.47
N GLU C 259 -18.20 21.76 -7.80
CA GLU C 259 -18.20 21.96 -6.37
C GLU C 259 -18.64 20.67 -5.69
N THR C 260 -19.32 19.82 -6.46
CA THR C 260 -19.78 18.54 -5.94
C THR C 260 -18.69 17.49 -6.06
N SER C 261 -17.46 17.92 -6.37
CA SER C 261 -16.38 16.99 -6.65
C SER C 261 -15.71 16.46 -5.40
N LYS C 262 -15.63 15.13 -5.30
CA LYS C 262 -14.97 14.49 -4.18
C LYS C 262 -13.48 14.31 -4.46
N ARG C 263 -13.16 13.66 -5.58
CA ARG C 263 -11.77 13.41 -5.96
C ARG C 263 -11.36 13.91 -7.36
N ALA C 264 -10.23 14.60 -7.43
CA ALA C 264 -9.69 15.02 -8.72
C ALA C 264 -8.73 13.99 -9.23
N VAL C 265 -8.65 13.83 -10.55
CA VAL C 265 -7.49 13.18 -11.12
C VAL C 265 -6.66 14.12 -12.01
N ILE C 266 -5.34 14.08 -11.88
CA ILE C 266 -4.42 14.88 -12.71
C ILE C 266 -3.77 14.04 -13.81
N LEU C 267 -3.91 14.44 -15.06
CA LEU C 267 -3.25 13.72 -16.16
C LEU C 267 -2.15 14.54 -16.81
N ALA C 268 -0.94 14.02 -16.79
CA ALA C 268 0.22 14.77 -17.27
C ALA C 268 1.04 13.98 -18.27
N ALA C 269 1.53 14.69 -19.30
CA ALA C 269 2.39 14.10 -20.32
C ALA C 269 3.35 15.14 -20.85
N ALA C 270 4.58 14.73 -21.08
CA ALA C 270 5.61 15.69 -21.39
C ALA C 270 6.82 15.09 -22.07
N TRP C 271 7.49 15.91 -22.87
CA TRP C 271 8.58 15.49 -23.70
C TRP C 271 9.92 15.68 -23.03
N LEU C 272 10.66 14.57 -22.98
CA LEU C 272 12.05 14.55 -22.55
C LEU C 272 12.93 14.51 -23.79
N GLY C 273 13.17 15.69 -24.38
CA GLY C 273 13.71 15.77 -25.72
C GLY C 273 12.85 14.96 -26.68
N GLN C 274 13.31 13.76 -27.01
CA GLN C 274 12.60 12.90 -27.94
C GLN C 274 11.77 11.93 -27.16
N ALA C 275 12.02 11.89 -25.86
CA ALA C 275 11.30 10.98 -24.95
C ALA C 275 9.94 11.54 -24.51
N ARG C 276 8.92 10.68 -24.42
CA ARG C 276 7.58 11.15 -24.02
C ARG C 276 6.99 10.48 -22.76
N LEU C 277 6.95 11.24 -21.66
CA LEU C 277 6.57 10.66 -20.39
C LEU C 277 5.13 10.93 -20.00
N ILE C 278 4.46 9.85 -19.61
CA ILE C 278 3.08 9.87 -19.15
C ILE C 278 2.99 9.52 -17.64
N ASP C 279 2.03 10.11 -16.95
CA ASP C 279 1.82 9.83 -15.53
C ASP C 279 0.49 10.46 -15.12
N ASN C 280 -0.09 9.95 -14.03
CA ASN C 280 -1.28 10.53 -13.45
C ASN C 280 -1.31 10.35 -11.93
N GLN C 281 -2.28 11.00 -11.28
CA GLN C 281 -2.32 11.01 -9.84
C GLN C 281 -3.73 11.32 -9.31
N SER C 282 -4.16 10.59 -8.28
CA SER C 282 -5.44 10.87 -7.62
C SER C 282 -5.30 11.75 -6.41
N VAL C 283 -6.30 12.58 -6.16
CA VAL C 283 -6.26 13.48 -5.01
C VAL C 283 -7.63 13.61 -4.36
N THR C 284 -7.70 13.46 -3.07
CA THR C 284 -8.98 13.55 -2.40
C THR C 284 -9.38 14.97 -2.08
N LEU C 285 -10.65 15.30 -2.32
CA LEU C 285 -11.17 16.64 -2.06
C LEU C 285 -10.56 17.66 -3.01
N ASN D 2 -41.85 -13.96 11.29
CA ASN D 2 -42.98 -14.62 10.66
C ASN D 2 -43.78 -13.66 9.78
N ALA D 3 -43.96 -12.45 10.27
CA ALA D 3 -44.73 -11.44 9.54
C ALA D 3 -43.97 -10.90 8.35
N MET D 4 -44.66 -10.76 7.22
CA MET D 4 -44.04 -10.24 6.02
C MET D 4 -43.57 -8.82 6.24
N LEU D 5 -42.35 -8.52 5.77
N LEU D 5 -42.39 -8.53 5.70
CA LEU D 5 -41.81 -7.18 5.83
CA LEU D 5 -41.73 -7.24 5.84
C LEU D 5 -41.61 -6.55 4.48
C LEU D 5 -41.59 -6.55 4.49
N ILE D 6 -41.95 -5.27 4.44
CA ILE D 6 -41.79 -4.46 3.27
C ILE D 6 -40.48 -3.71 3.47
N ILE D 7 -39.50 -3.98 2.60
CA ILE D 7 -38.22 -3.26 2.58
C ILE D 7 -38.26 -2.12 1.57
N GLU D 8 -37.84 -0.93 1.99
CA GLU D 8 -37.97 0.22 1.11
C GLU D 8 -36.63 0.76 0.62
N THR D 9 -35.55 0.33 1.26
CA THR D 9 -34.25 0.91 0.95
C THR D 9 -33.14 -0.10 0.70
N LEU D 10 -32.17 0.32 -0.08
CA LEU D 10 -31.10 -0.55 -0.51
C LEU D 10 -30.26 -1.18 0.60
N PRO D 11 -29.92 -0.39 1.62
CA PRO D 11 -29.07 -0.87 2.71
C PRO D 11 -29.77 -1.92 3.54
N LEU D 12 -31.06 -1.71 3.82
CA LEU D 12 -31.83 -2.66 4.61
C LEU D 12 -32.07 -3.93 3.82
N LEU D 13 -32.09 -3.82 2.52
CA LEU D 13 -32.28 -4.98 1.66
C LEU D 13 -31.03 -5.83 1.68
N ARG D 14 -29.87 -5.18 1.70
CA ARG D 14 -28.61 -5.91 1.71
C ARG D 14 -28.32 -6.55 3.06
N GLN D 15 -28.85 -5.94 4.12
CA GLN D 15 -28.71 -6.52 5.43
C GLN D 15 -29.50 -7.84 5.50
N HIS D 16 -30.72 -7.83 4.98
CA HIS D 16 -31.54 -9.05 4.94
C HIS D 16 -31.05 -10.12 3.94
N ILE D 17 -30.63 -9.72 2.75
CA ILE D 17 -30.09 -10.67 1.79
C ILE D 17 -28.94 -11.45 2.42
N ARG D 18 -28.08 -10.70 3.10
CA ARG D 18 -26.94 -11.25 3.82
C ARG D 18 -27.32 -12.26 4.89
N ARG D 19 -28.29 -11.89 5.72
N ARG D 19 -28.29 -11.90 5.72
CA ARG D 19 -28.81 -12.74 6.78
CA ARG D 19 -28.78 -12.76 6.79
C ARG D 19 -29.30 -14.04 6.20
C ARG D 19 -29.32 -14.05 6.22
N LEU D 20 -30.16 -13.92 5.20
CA LEU D 20 -30.69 -15.07 4.46
C LEU D 20 -29.56 -15.98 3.91
N ARG D 21 -28.55 -15.41 3.27
N ARG D 21 -28.54 -15.39 3.32
CA ARG D 21 -27.44 -16.26 2.83
CA ARG D 21 -27.39 -16.15 2.85
C ARG D 21 -26.75 -17.01 3.99
C ARG D 21 -26.77 -16.97 3.98
N GLN D 22 -26.43 -16.30 5.08
CA GLN D 22 -25.84 -16.96 6.25
C GLN D 22 -26.79 -17.99 6.85
N GLU D 23 -28.09 -17.78 6.70
CA GLU D 23 -29.05 -18.79 7.18
C GLU D 23 -29.14 -19.99 6.23
N GLY D 24 -28.54 -19.87 5.05
CA GLY D 24 -28.56 -20.93 4.06
C GLY D 24 -29.92 -21.12 3.42
N LYS D 25 -30.72 -20.06 3.37
CA LYS D 25 -32.04 -20.14 2.77
C LYS D 25 -31.96 -19.99 1.26
N ARG D 26 -32.74 -20.78 0.54
CA ARG D 26 -32.85 -20.66 -0.90
C ARG D 26 -33.88 -19.56 -1.25
N VAL D 27 -33.54 -18.66 -2.17
CA VAL D 27 -34.37 -17.48 -2.42
C VAL D 27 -34.97 -17.39 -3.85
N ALA D 28 -36.25 -17.07 -3.91
CA ALA D 28 -36.94 -16.83 -5.18
C ALA D 28 -37.44 -15.39 -5.30
N LEU D 29 -37.18 -14.80 -6.45
CA LEU D 29 -37.51 -13.40 -6.70
C LEU D 29 -38.58 -13.26 -7.79
N VAL D 30 -39.65 -12.55 -7.48
CA VAL D 30 -40.70 -12.25 -8.44
C VAL D 30 -40.74 -10.74 -8.68
N PRO D 31 -40.09 -10.27 -9.78
CA PRO D 31 -40.03 -8.85 -10.15
C PRO D 31 -41.32 -8.41 -10.79
N THR D 32 -41.92 -7.33 -10.29
CA THR D 32 -43.13 -6.78 -10.90
C THR D 32 -43.08 -5.26 -10.95
N MET D 33 -44.18 -4.65 -11.37
CA MET D 33 -44.33 -3.20 -11.30
C MET D 33 -45.69 -2.82 -10.71
N GLY D 34 -46.13 -3.58 -9.72
CA GLY D 34 -47.35 -3.25 -8.99
C GLY D 34 -48.60 -3.49 -9.83
N ASN D 35 -49.74 -3.04 -9.30
CA ASN D 35 -51.02 -3.37 -9.91
C ASN D 35 -51.24 -4.87 -10.05
N LEU D 36 -51.24 -5.58 -8.92
CA LEU D 36 -51.09 -7.02 -8.93
C LEU D 36 -52.43 -7.71 -9.05
N HIS D 37 -52.51 -8.70 -9.94
CA HIS D 37 -53.73 -9.48 -10.12
C HIS D 37 -53.45 -10.97 -10.00
N ASP D 38 -54.44 -11.79 -10.30
CA ASP D 38 -54.30 -13.24 -10.10
C ASP D 38 -53.12 -13.84 -10.86
N GLY D 39 -52.79 -13.29 -12.03
CA GLY D 39 -51.64 -13.79 -12.77
C GLY D 39 -50.39 -13.75 -11.91
N HIS D 40 -50.19 -12.64 -11.21
CA HIS D 40 -48.99 -12.50 -10.39
C HIS D 40 -49.00 -13.52 -9.24
N MET D 41 -50.16 -13.73 -8.64
CA MET D 41 -50.31 -14.68 -7.55
C MET D 41 -49.89 -16.08 -7.96
N LYS D 42 -50.21 -16.47 -9.19
CA LYS D 42 -49.62 -17.70 -9.71
C LYS D 42 -48.07 -17.62 -9.65
N LEU D 43 -47.49 -16.54 -10.16
CA LEU D 43 -46.05 -16.40 -10.09
C LEU D 43 -45.53 -16.61 -8.66
N VAL D 44 -46.19 -15.98 -7.70
CA VAL D 44 -45.84 -16.16 -6.30
C VAL D 44 -45.95 -17.62 -5.81
N ASP D 45 -47.10 -18.25 -6.04
CA ASP D 45 -47.25 -19.68 -5.69
C ASP D 45 -46.11 -20.52 -6.26
N GLU D 46 -45.73 -20.24 -7.50
CA GLU D 46 -44.70 -21.00 -8.18
C GLU D 46 -43.34 -20.78 -7.48
N ALA D 47 -43.07 -19.54 -7.10
CA ALA D 47 -41.93 -19.22 -6.26
C ALA D 47 -41.94 -19.97 -4.94
N LYS D 48 -43.02 -19.84 -4.15
CA LYS D 48 -43.12 -20.54 -2.85
C LYS D 48 -42.75 -22.00 -2.96
N ALA D 49 -42.93 -22.56 -4.15
CA ALA D 49 -42.74 -23.99 -4.38
C ALA D 49 -41.31 -24.39 -4.69
N ARG D 50 -40.46 -23.46 -5.10
CA ARG D 50 -39.08 -23.84 -5.45
C ARG D 50 -38.04 -23.25 -4.50
N ALA D 51 -38.50 -22.52 -3.49
CA ALA D 51 -37.58 -21.82 -2.59
C ALA D 51 -38.09 -21.75 -1.16
N ASP D 52 -37.19 -21.43 -0.22
CA ASP D 52 -37.61 -21.29 1.18
C ASP D 52 -38.31 -19.96 1.36
N VAL D 53 -37.96 -19.03 0.49
CA VAL D 53 -38.31 -17.66 0.74
C VAL D 53 -38.68 -16.94 -0.56
N VAL D 54 -39.79 -16.21 -0.55
CA VAL D 54 -40.20 -15.49 -1.73
C VAL D 54 -39.98 -14.02 -1.48
N ILE D 55 -39.40 -13.35 -2.46
CA ILE D 55 -39.22 -11.91 -2.42
C ILE D 55 -39.92 -11.34 -3.64
N VAL D 56 -40.92 -10.49 -3.42
CA VAL D 56 -41.55 -9.81 -4.52
C VAL D 56 -41.08 -8.35 -4.60
N SER D 57 -40.55 -7.96 -5.77
CA SER D 57 -40.14 -6.58 -5.97
C SER D 57 -41.30 -5.85 -6.62
N ILE D 58 -41.54 -4.63 -6.13
CA ILE D 58 -42.54 -3.75 -6.69
C ILE D 58 -41.85 -2.43 -6.95
N PHE D 59 -41.51 -2.24 -8.20
CA PHE D 59 -40.83 -1.02 -8.59
C PHE D 59 -41.26 -0.64 -9.99
N VAL D 60 -41.87 0.53 -10.14
CA VAL D 60 -42.21 1.00 -11.46
C VAL D 60 -40.97 1.65 -12.04
N ASN D 61 -40.53 1.16 -13.19
CA ASN D 61 -39.21 1.49 -13.72
C ASN D 61 -39.22 2.55 -14.81
N PRO D 62 -38.83 3.78 -14.47
CA PRO D 62 -38.81 4.85 -15.47
C PRO D 62 -38.08 4.43 -16.77
N MET D 63 -36.87 3.88 -16.65
CA MET D 63 -36.02 3.66 -17.80
C MET D 63 -36.78 2.98 -18.94
N GLN D 64 -37.88 2.31 -18.59
CA GLN D 64 -38.58 1.45 -19.53
C GLN D 64 -39.94 2.03 -19.89
N PHE D 65 -40.20 3.24 -19.42
CA PHE D 65 -41.21 4.11 -20.04
C PHE D 65 -40.64 4.83 -21.26
N ASP D 66 -41.43 4.89 -22.33
CA ASP D 66 -41.12 5.74 -23.47
C ASP D 66 -41.24 7.21 -23.10
N ARG D 67 -42.14 7.52 -22.18
CA ARG D 67 -42.31 8.88 -21.69
C ARG D 67 -42.21 8.95 -20.17
N PRO D 68 -40.98 9.07 -19.67
CA PRO D 68 -40.69 8.75 -18.27
C PRO D 68 -41.06 9.90 -17.34
N ASP D 69 -41.50 11.01 -17.91
CA ASP D 69 -41.96 12.16 -17.12
C ASP D 69 -43.31 11.87 -16.51
N ASP D 70 -44.06 10.98 -17.15
CA ASP D 70 -45.39 10.64 -16.70
C ASP D 70 -45.41 9.80 -15.43
N LEU D 71 -44.27 9.25 -15.02
CA LEU D 71 -44.25 8.33 -13.88
C LEU D 71 -44.97 8.92 -12.67
N VAL D 72 -44.70 10.19 -12.38
CA VAL D 72 -45.42 10.88 -11.31
C VAL D 72 -46.94 10.63 -11.36
N ARG D 73 -47.49 10.49 -12.56
CA ARG D 73 -48.94 10.35 -12.69
C ARG D 73 -49.42 8.90 -12.70
N TYR D 74 -48.46 7.97 -12.71
CA TYR D 74 -48.79 6.55 -12.74
C TYR D 74 -49.64 6.11 -11.53
N PRO D 75 -50.67 5.30 -11.81
CA PRO D 75 -51.60 4.79 -10.79
C PRO D 75 -50.92 3.84 -9.81
N ARG D 76 -51.12 4.05 -8.52
N ARG D 76 -51.12 4.05 -8.52
CA ARG D 76 -50.52 3.19 -7.50
CA ARG D 76 -50.51 3.17 -7.52
C ARG D 76 -51.54 2.36 -6.71
C ARG D 76 -51.51 2.37 -6.67
N THR D 77 -51.16 1.13 -6.39
CA THR D 77 -51.99 0.18 -5.65
C THR D 77 -51.17 -0.48 -4.54
N LEU D 78 -50.12 0.18 -4.08
CA LEU D 78 -49.18 -0.51 -3.20
C LEU D 78 -49.88 -1.25 -2.07
N GLN D 79 -50.87 -0.59 -1.46
CA GLN D 79 -51.58 -1.12 -0.31
C GLN D 79 -52.35 -2.36 -0.68
N GLU D 80 -53.10 -2.28 -1.77
CA GLU D 80 -53.79 -3.44 -2.30
C GLU D 80 -52.79 -4.49 -2.78
N ASP D 81 -51.69 -4.03 -3.37
CA ASP D 81 -50.64 -4.93 -3.85
C ASP D 81 -50.16 -5.77 -2.68
N CYS D 82 -49.86 -5.09 -1.58
CA CYS D 82 -49.33 -5.74 -0.39
C CYS D 82 -50.35 -6.62 0.33
N GLU D 83 -51.61 -6.21 0.31
CA GLU D 83 -52.69 -7.01 0.85
C GLU D 83 -52.64 -8.41 0.25
N LYS D 84 -52.73 -8.51 -1.07
CA LYS D 84 -52.79 -9.80 -1.74
C LYS D 84 -51.57 -10.62 -1.37
N LEU D 85 -50.45 -9.92 -1.28
CA LEU D 85 -49.17 -10.57 -1.04
C LEU D 85 -49.11 -11.16 0.36
N ASN D 86 -49.67 -10.43 1.30
CA ASN D 86 -49.71 -10.88 2.66
C ASN D 86 -50.57 -12.13 2.73
N LYS D 87 -51.72 -12.11 2.08
CA LYS D 87 -52.62 -13.28 2.14
C LYS D 87 -52.00 -14.47 1.44
N ARG D 88 -50.89 -14.23 0.75
CA ARG D 88 -50.27 -15.27 -0.06
C ARG D 88 -48.99 -15.72 0.60
N LYS D 89 -48.82 -15.29 1.85
CA LYS D 89 -47.71 -15.74 2.66
C LYS D 89 -46.36 -15.42 2.03
N VAL D 90 -46.25 -14.22 1.48
CA VAL D 90 -44.96 -13.71 1.00
C VAL D 90 -44.05 -13.25 2.15
N ASP D 91 -42.79 -13.61 2.08
CA ASP D 91 -41.85 -13.31 3.14
C ASP D 91 -41.37 -11.85 3.09
N TYR D 92 -40.93 -11.38 1.91
CA TYR D 92 -40.37 -10.03 1.78
C TYR D 92 -40.92 -9.25 0.58
N VAL D 93 -41.24 -7.98 0.79
CA VAL D 93 -41.57 -7.12 -0.33
C VAL D 93 -40.55 -6.01 -0.46
N PHE D 94 -39.99 -5.88 -1.65
CA PHE D 94 -39.01 -4.83 -1.91
C PHE D 94 -39.65 -3.79 -2.80
N ALA D 95 -39.85 -2.61 -2.20
CA ALA D 95 -40.52 -1.52 -2.87
C ALA D 95 -39.75 -0.24 -2.64
N PRO D 96 -38.71 -0.03 -3.45
CA PRO D 96 -37.86 1.16 -3.33
C PRO D 96 -38.51 2.36 -4.00
N ALA D 97 -38.18 3.57 -3.57
CA ALA D 97 -38.68 4.75 -4.28
C ALA D 97 -37.75 5.10 -5.45
N VAL D 98 -38.30 5.71 -6.50
CA VAL D 98 -37.53 6.11 -7.67
C VAL D 98 -36.18 6.70 -7.30
N GLU D 99 -36.17 7.58 -6.30
CA GLU D 99 -34.95 8.28 -5.92
C GLU D 99 -33.94 7.39 -5.21
N GLU D 100 -34.40 6.28 -4.64
CA GLU D 100 -33.50 5.30 -4.04
C GLU D 100 -32.75 4.54 -5.12
N ILE D 101 -33.47 4.13 -6.16
CA ILE D 101 -32.96 3.29 -7.25
C ILE D 101 -32.13 4.06 -8.25
N TYR D 102 -32.67 5.17 -8.71
CA TYR D 102 -31.95 6.06 -9.61
C TYR D 102 -31.68 7.41 -8.93
N PRO D 103 -30.74 7.44 -7.96
CA PRO D 103 -30.49 8.65 -7.19
C PRO D 103 -30.23 9.88 -8.06
N HIS D 104 -29.77 9.69 -9.28
CA HIS D 104 -29.31 10.79 -10.12
C HIS D 104 -29.95 10.74 -11.51
N GLY D 105 -31.08 10.06 -11.60
CA GLY D 105 -31.89 10.08 -12.82
C GLY D 105 -31.25 9.27 -13.94
N LEU D 106 -31.94 9.22 -15.07
CA LEU D 106 -31.58 8.29 -16.14
C LEU D 106 -30.50 8.88 -17.03
N GLU D 107 -29.82 9.92 -16.54
CA GLU D 107 -28.98 10.76 -17.37
C GLU D 107 -27.81 9.98 -17.96
N GLY D 108 -27.07 9.30 -17.09
CA GLY D 108 -25.86 8.62 -17.49
C GLY D 108 -25.83 7.17 -17.03
N GLN D 109 -27.00 6.54 -16.97
CA GLN D 109 -27.16 5.27 -16.29
C GLN D 109 -26.57 4.13 -17.10
N THR D 110 -25.58 3.44 -16.53
CA THR D 110 -25.03 2.24 -17.13
C THR D 110 -26.13 1.21 -17.41
N TYR D 111 -26.15 0.69 -18.64
CA TYR D 111 -27.22 -0.20 -19.07
C TYR D 111 -26.76 -1.57 -19.52
N VAL D 112 -27.67 -2.53 -19.39
CA VAL D 112 -27.48 -3.84 -19.96
C VAL D 112 -28.43 -4.01 -21.13
N ASP D 113 -27.89 -4.45 -22.25
CA ASP D 113 -28.61 -4.46 -23.49
C ASP D 113 -28.42 -5.80 -24.22
N VAL D 114 -29.51 -6.38 -24.68
CA VAL D 114 -29.48 -7.65 -25.37
C VAL D 114 -29.68 -7.46 -26.86
N PRO D 115 -28.63 -7.64 -27.67
CA PRO D 115 -28.82 -7.32 -29.09
C PRO D 115 -29.73 -8.31 -29.78
N GLY D 116 -30.44 -7.83 -30.79
CA GLY D 116 -31.37 -8.67 -31.51
C GLY D 116 -32.70 -8.73 -30.79
N LEU D 117 -32.76 -9.52 -29.72
CA LEU D 117 -34.00 -9.70 -29.00
C LEU D 117 -34.64 -8.38 -28.63
N SER D 118 -33.83 -7.33 -28.42
CA SER D 118 -34.36 -6.07 -27.90
C SER D 118 -34.93 -5.17 -28.99
N THR D 119 -34.44 -5.33 -30.20
CA THR D 119 -34.83 -4.42 -31.28
C THR D 119 -35.89 -5.08 -32.16
N MET D 120 -35.99 -6.39 -32.07
CA MET D 120 -36.91 -7.13 -32.92
C MET D 120 -38.36 -7.06 -32.43
N LEU D 121 -39.30 -7.32 -33.32
CA LEU D 121 -40.71 -7.42 -32.94
C LEU D 121 -41.15 -6.19 -32.15
N GLU D 122 -41.71 -6.42 -30.97
CA GLU D 122 -42.31 -5.36 -30.18
C GLU D 122 -41.37 -4.16 -30.06
N GLY D 123 -40.10 -4.44 -29.80
CA GLY D 123 -39.14 -3.40 -29.50
C GLY D 123 -38.83 -2.53 -30.70
N ALA D 124 -39.32 -2.95 -31.87
CA ALA D 124 -39.12 -2.19 -33.10
C ALA D 124 -39.62 -0.76 -32.95
N SER D 125 -40.70 -0.58 -32.20
CA SER D 125 -41.34 0.73 -32.07
C SER D 125 -41.14 1.40 -30.72
N ARG D 126 -40.36 0.77 -29.84
CA ARG D 126 -40.16 1.29 -28.49
C ARG D 126 -38.66 1.36 -28.14
N PRO D 127 -37.94 2.24 -28.82
CA PRO D 127 -36.51 2.41 -28.58
C PRO D 127 -36.20 2.62 -27.10
N GLY D 128 -35.36 1.75 -26.54
CA GLY D 128 -34.94 1.89 -25.15
C GLY D 128 -35.67 0.95 -24.22
N HIS D 129 -36.84 0.49 -24.65
CA HIS D 129 -37.78 -0.16 -23.76
C HIS D 129 -37.18 -1.42 -23.13
N PHE D 130 -36.81 -2.37 -23.99
CA PHE D 130 -36.30 -3.65 -23.52
C PHE D 130 -34.93 -3.50 -22.86
N ARG D 131 -34.16 -2.51 -23.33
CA ARG D 131 -32.97 -2.07 -22.62
C ARG D 131 -33.28 -1.79 -21.14
N GLY D 132 -34.38 -1.10 -20.90
CA GLY D 132 -34.76 -0.71 -19.56
C GLY D 132 -35.17 -1.92 -18.72
N VAL D 133 -35.63 -2.96 -19.41
CA VAL D 133 -36.03 -4.17 -18.75
C VAL D 133 -34.79 -4.91 -18.27
N SER D 134 -33.93 -5.25 -19.21
CA SER D 134 -32.69 -5.97 -18.92
C SER D 134 -31.84 -5.26 -17.85
N THR D 135 -31.83 -3.94 -17.90
CA THR D 135 -31.03 -3.20 -16.94
C THR D 135 -31.56 -3.31 -15.50
N ILE D 136 -32.85 -3.08 -15.32
CA ILE D 136 -33.37 -3.08 -13.98
C ILE D 136 -33.32 -4.50 -13.43
N VAL D 137 -33.55 -5.49 -14.29
CA VAL D 137 -33.51 -6.86 -13.81
C VAL D 137 -32.08 -7.31 -13.42
N SER D 138 -31.10 -6.93 -14.23
CA SER D 138 -29.73 -7.16 -13.84
C SER D 138 -29.42 -6.44 -12.52
N LYS D 139 -29.91 -5.22 -12.38
CA LYS D 139 -29.66 -4.48 -11.17
C LYS D 139 -30.29 -5.22 -9.98
N LEU D 140 -31.54 -5.67 -10.17
CA LEU D 140 -32.21 -6.46 -9.13
C LEU D 140 -31.44 -7.75 -8.81
N PHE D 141 -31.15 -8.52 -9.84
CA PHE D 141 -30.32 -9.70 -9.67
C PHE D 141 -29.05 -9.46 -8.84
N ASN D 142 -28.42 -8.31 -9.03
CA ASN D 142 -27.17 -8.04 -8.35
C ASN D 142 -27.45 -7.72 -6.88
N LEU D 143 -28.61 -7.13 -6.63
CA LEU D 143 -29.00 -6.74 -5.27
C LEU D 143 -29.41 -7.94 -4.45
N ILE D 144 -30.26 -8.76 -5.03
CA ILE D 144 -30.96 -9.83 -4.35
C ILE D 144 -30.22 -11.16 -4.47
N GLN D 145 -29.36 -11.28 -5.49
CA GLN D 145 -28.64 -12.53 -5.73
C GLN D 145 -29.57 -13.71 -5.52
N PRO D 146 -30.72 -13.67 -6.20
CA PRO D 146 -31.69 -14.75 -6.03
C PRO D 146 -31.17 -16.08 -6.55
N ASP D 147 -31.69 -17.19 -6.02
CA ASP D 147 -31.42 -18.52 -6.59
C ASP D 147 -32.28 -18.80 -7.81
N ILE D 148 -33.52 -18.33 -7.76
CA ILE D 148 -34.47 -18.51 -8.83
C ILE D 148 -35.38 -17.26 -8.99
N ALA D 149 -35.78 -16.98 -10.22
CA ALA D 149 -36.62 -15.84 -10.53
C ALA D 149 -37.70 -16.24 -11.53
N CYS D 150 -38.94 -15.91 -11.19
CA CYS D 150 -40.12 -16.33 -11.93
C CYS D 150 -40.60 -15.28 -12.91
N PHE D 151 -40.96 -15.66 -14.12
CA PHE D 151 -41.62 -14.73 -15.03
C PHE D 151 -42.87 -15.32 -15.67
N GLY D 152 -43.69 -14.46 -16.25
CA GLY D 152 -44.88 -14.92 -16.93
C GLY D 152 -44.62 -15.37 -18.36
N GLU D 153 -45.24 -16.48 -18.74
CA GLU D 153 -45.06 -17.06 -20.08
C GLU D 153 -45.67 -16.22 -21.19
N LYS D 154 -46.68 -15.43 -20.84
CA LYS D 154 -47.40 -14.63 -21.83
C LYS D 154 -46.54 -13.54 -22.42
N ASP D 155 -45.74 -12.88 -21.59
CA ASP D 155 -44.81 -11.92 -22.13
C ASP D 155 -43.57 -12.69 -22.58
N PHE D 156 -43.71 -13.31 -23.76
CA PHE D 156 -42.73 -14.23 -24.30
C PHE D 156 -41.43 -13.57 -24.80
N GLN D 157 -41.51 -12.30 -25.19
CA GLN D 157 -40.30 -11.63 -25.63
C GLN D 157 -39.42 -11.37 -24.40
N GLN D 158 -40.07 -10.95 -23.31
CA GLN D 158 -39.39 -10.70 -22.04
C GLN D 158 -38.70 -11.98 -21.58
N LEU D 159 -39.46 -13.06 -21.48
CA LEU D 159 -38.89 -14.35 -21.09
C LEU D 159 -37.67 -14.68 -21.94
N ALA D 160 -37.76 -14.38 -23.24
CA ALA D 160 -36.63 -14.63 -24.13
C ALA D 160 -35.46 -13.76 -23.73
N LEU D 161 -35.74 -12.47 -23.56
CA LEU D 161 -34.70 -11.49 -23.33
C LEU D 161 -33.88 -11.88 -22.12
N ILE D 162 -34.58 -12.15 -21.01
CA ILE D 162 -33.95 -12.43 -19.72
C ILE D 162 -33.14 -13.73 -19.75
N ARG D 163 -33.74 -14.79 -20.29
CA ARG D 163 -33.04 -16.08 -20.38
C ARG D 163 -31.68 -15.88 -21.08
N LYS D 164 -31.68 -15.06 -22.13
CA LYS D 164 -30.46 -14.75 -22.88
C LYS D 164 -29.46 -13.99 -22.00
N MET D 165 -29.86 -12.82 -21.52
CA MET D 165 -29.00 -12.08 -20.60
C MET D 165 -28.35 -12.97 -19.50
N VAL D 166 -29.13 -13.89 -18.93
CA VAL D 166 -28.69 -14.71 -17.78
C VAL D 166 -27.53 -15.61 -18.15
N ALA D 167 -27.62 -16.16 -19.36
CA ALA D 167 -26.54 -16.95 -19.91
C ALA D 167 -25.38 -16.03 -20.26
N ASP D 168 -25.64 -15.10 -21.19
CA ASP D 168 -24.56 -14.23 -21.65
C ASP D 168 -23.80 -13.60 -20.49
N MET D 169 -24.53 -13.09 -19.51
CA MET D 169 -23.88 -12.37 -18.43
C MET D 169 -23.47 -13.26 -17.26
N SER D 170 -23.79 -14.55 -17.36
CA SER D 170 -23.30 -15.51 -16.38
C SER D 170 -23.93 -15.40 -14.98
N TYR D 171 -25.24 -15.17 -14.95
CA TYR D 171 -25.94 -15.22 -13.69
C TYR D 171 -26.23 -16.68 -13.38
N ASP D 172 -25.91 -17.09 -12.17
CA ASP D 172 -26.21 -18.45 -11.75
C ASP D 172 -27.62 -18.49 -11.16
N ILE D 173 -28.61 -18.11 -11.96
CA ILE D 173 -29.99 -18.03 -11.50
C ILE D 173 -30.95 -18.84 -12.38
N GLU D 174 -31.84 -19.61 -11.76
CA GLU D 174 -32.84 -20.34 -12.53
C GLU D 174 -33.98 -19.43 -12.95
N ILE D 175 -34.18 -19.26 -14.25
CA ILE D 175 -35.31 -18.47 -14.75
C ILE D 175 -36.50 -19.37 -15.06
N VAL D 176 -37.56 -19.28 -14.25
CA VAL D 176 -38.70 -20.16 -14.37
C VAL D 176 -39.83 -19.49 -15.13
N GLY D 177 -40.21 -20.05 -16.27
CA GLY D 177 -41.34 -19.51 -17.03
C GLY D 177 -42.67 -20.09 -16.57
N VAL D 178 -43.58 -19.20 -16.17
CA VAL D 178 -44.86 -19.65 -15.62
C VAL D 178 -46.04 -19.51 -16.58
N PRO D 179 -46.59 -20.66 -17.01
CA PRO D 179 -47.75 -20.75 -17.90
C PRO D 179 -48.90 -19.90 -17.37
N ILE D 180 -49.61 -19.25 -18.28
CA ILE D 180 -50.74 -18.39 -17.91
C ILE D 180 -51.91 -19.11 -17.26
N ILE D 181 -52.84 -18.33 -16.72
CA ILE D 181 -54.08 -18.86 -16.17
C ILE D 181 -55.08 -19.01 -17.29
N ARG D 182 -55.63 -20.22 -17.40
CA ARG D 182 -56.69 -20.58 -18.36
C ARG D 182 -58.00 -20.97 -17.68
N ALA D 183 -59.08 -20.99 -18.46
CA ALA D 183 -60.32 -21.55 -17.98
C ALA D 183 -60.23 -23.07 -18.13
N LYS D 184 -61.20 -23.78 -17.59
CA LYS D 184 -61.07 -25.22 -17.54
C LYS D 184 -60.99 -25.79 -18.96
N ASP D 185 -61.62 -25.10 -19.91
CA ASP D 185 -61.65 -25.58 -21.29
C ASP D 185 -60.42 -25.16 -22.12
N GLY D 186 -59.57 -24.35 -21.51
CA GLY D 186 -58.30 -24.03 -22.13
C GLY D 186 -58.17 -22.58 -22.55
N LEU D 187 -59.29 -21.88 -22.64
CA LEU D 187 -59.27 -20.50 -23.11
C LEU D 187 -58.48 -19.62 -22.16
N ALA D 188 -57.67 -18.73 -22.73
CA ALA D 188 -56.87 -17.82 -21.93
C ALA D 188 -57.72 -16.85 -21.13
N LEU D 189 -57.46 -16.70 -19.84
CA LEU D 189 -58.29 -15.78 -19.05
C LEU D 189 -57.98 -14.32 -19.34
N SER D 190 -58.99 -13.56 -19.75
CA SER D 190 -58.86 -12.13 -19.93
C SER D 190 -60.15 -11.45 -19.50
N SER D 191 -60.17 -10.12 -19.54
CA SER D 191 -61.32 -9.35 -19.07
C SER D 191 -62.27 -8.95 -20.22
N ARG D 192 -61.79 -9.12 -21.45
CA ARG D 192 -62.60 -8.80 -22.62
C ARG D 192 -63.42 -10.01 -23.06
N ASN D 193 -63.20 -11.13 -22.39
CA ASN D 193 -63.98 -12.35 -22.56
C ASN D 193 -65.45 -12.15 -22.12
N ALA D 194 -65.65 -11.40 -21.03
CA ALA D 194 -66.99 -11.14 -20.51
C ALA D 194 -67.92 -10.68 -21.63
N TYR D 195 -67.31 -10.05 -22.66
CA TYR D 195 -68.03 -9.48 -23.81
C TYR D 195 -68.05 -10.33 -25.08
N LEU D 196 -67.77 -11.63 -24.90
CA LEU D 196 -68.07 -12.59 -25.95
C LEU D 196 -69.55 -12.94 -25.84
N THR D 197 -70.21 -13.12 -26.97
CA THR D 197 -71.57 -13.65 -26.93
C THR D 197 -71.51 -15.08 -26.45
N ALA D 198 -72.59 -15.52 -25.83
CA ALA D 198 -72.68 -16.92 -25.37
C ALA D 198 -72.24 -17.89 -26.47
N GLU D 199 -72.85 -17.78 -27.64
CA GLU D 199 -72.47 -18.65 -28.73
C GLU D 199 -71.01 -18.47 -29.11
N GLN D 200 -70.49 -17.25 -28.96
CA GLN D 200 -69.10 -17.00 -29.28
C GLN D 200 -68.24 -17.67 -28.24
N ARG D 201 -68.65 -17.57 -26.98
CA ARG D 201 -67.88 -18.15 -25.89
C ARG D 201 -67.67 -19.63 -26.06
N LYS D 202 -68.68 -20.29 -26.62
CA LYS D 202 -68.66 -21.73 -26.82
C LYS D 202 -67.58 -22.10 -27.82
N ILE D 203 -67.51 -21.35 -28.91
CA ILE D 203 -66.50 -21.60 -29.94
C ILE D 203 -65.06 -21.31 -29.49
N ALA D 204 -64.89 -20.38 -28.57
CA ALA D 204 -63.57 -19.77 -28.31
C ALA D 204 -62.43 -20.72 -27.91
N PRO D 205 -62.70 -21.69 -27.00
CA PRO D 205 -61.67 -22.65 -26.58
C PRO D 205 -61.00 -23.29 -27.79
N GLY D 206 -61.61 -23.13 -28.95
CA GLY D 206 -61.04 -23.56 -30.22
C GLY D 206 -59.61 -23.08 -30.44
N LEU D 207 -59.36 -21.81 -30.13
CA LEU D 207 -58.05 -21.24 -30.37
C LEU D 207 -56.97 -22.07 -29.68
N TYR D 208 -57.10 -22.23 -28.36
CA TYR D 208 -56.12 -23.03 -27.61
C TYR D 208 -55.99 -24.45 -28.20
N ASN D 209 -57.11 -25.09 -28.50
CA ASN D 209 -57.09 -26.43 -29.05
C ASN D 209 -56.34 -26.55 -30.40
N VAL D 210 -56.62 -25.65 -31.35
CA VAL D 210 -55.88 -25.64 -32.60
C VAL D 210 -54.40 -25.35 -32.34
N MET D 211 -54.16 -24.56 -31.29
CA MET D 211 -52.80 -24.29 -30.87
C MET D 211 -52.12 -25.61 -30.49
N ASN D 212 -52.77 -26.39 -29.64
CA ASN D 212 -52.24 -27.70 -29.27
C ASN D 212 -51.99 -28.68 -30.42
N SER D 213 -52.98 -28.82 -31.33
CA SER D 213 -52.81 -29.71 -32.46
C SER D 213 -51.43 -29.46 -33.08
N ILE D 214 -51.02 -28.18 -33.08
CA ILE D 214 -49.70 -27.79 -33.58
C ILE D 214 -48.56 -28.24 -32.68
N ALA D 215 -48.74 -28.10 -31.37
CA ALA D 215 -47.69 -28.46 -30.41
C ALA D 215 -47.39 -29.95 -30.38
N GLU D 216 -48.42 -30.78 -30.53
CA GLU D 216 -48.22 -32.22 -30.54
C GLU D 216 -47.47 -32.65 -31.80
N LYS D 217 -47.77 -31.98 -32.91
CA LYS D 217 -47.15 -32.32 -34.19
C LYS D 217 -45.68 -31.89 -34.25
N LEU D 218 -45.33 -30.88 -33.48
CA LEU D 218 -43.94 -30.43 -33.45
C LEU D 218 -43.10 -31.32 -32.54
N ILE D 219 -43.67 -31.71 -31.40
CA ILE D 219 -43.00 -32.61 -30.47
C ILE D 219 -42.53 -33.85 -31.20
N ALA D 220 -43.38 -34.37 -32.08
CA ALA D 220 -43.04 -35.53 -32.88
C ALA D 220 -42.26 -35.17 -34.14
N GLY D 221 -41.45 -34.12 -34.06
CA GLY D 221 -40.48 -33.77 -35.08
C GLY D 221 -40.96 -33.42 -36.48
N ASN D 222 -41.92 -32.50 -36.56
CA ASN D 222 -42.49 -32.12 -37.86
C ASN D 222 -42.09 -30.70 -38.23
N ARG D 223 -41.37 -30.55 -39.34
CA ARG D 223 -40.86 -29.25 -39.75
C ARG D 223 -41.59 -28.75 -40.99
N GLU D 224 -42.73 -29.36 -41.29
CA GLU D 224 -43.58 -28.92 -42.39
C GLU D 224 -44.21 -27.56 -42.08
N LEU D 225 -43.41 -26.51 -42.18
CA LEU D 225 -43.68 -25.26 -41.45
C LEU D 225 -44.94 -24.59 -41.97
N GLN D 226 -45.00 -24.38 -43.28
CA GLN D 226 -46.12 -23.67 -43.89
C GLN D 226 -47.38 -24.51 -43.87
N GLU D 227 -47.21 -25.83 -43.81
CA GLU D 227 -48.35 -26.75 -43.81
C GLU D 227 -49.04 -26.77 -42.46
N ILE D 228 -48.26 -26.88 -41.39
CA ILE D 228 -48.80 -26.95 -40.04
C ILE D 228 -49.75 -25.80 -39.78
N ILE D 229 -49.36 -24.61 -40.24
CA ILE D 229 -50.14 -23.41 -40.06
C ILE D 229 -51.40 -23.37 -40.92
N ALA D 230 -51.28 -23.76 -42.19
CA ALA D 230 -52.43 -23.69 -43.09
C ALA D 230 -53.51 -24.71 -42.69
N ILE D 231 -53.09 -25.85 -42.13
CA ILE D 231 -54.01 -26.88 -41.62
C ILE D 231 -54.69 -26.44 -40.33
N ALA D 232 -53.94 -25.75 -39.47
CA ALA D 232 -54.50 -25.19 -38.24
C ALA D 232 -55.36 -23.97 -38.59
N GLU D 233 -54.91 -23.20 -39.57
CA GLU D 233 -55.65 -22.04 -40.04
C GLU D 233 -57.04 -22.44 -40.53
N GLN D 234 -57.08 -23.41 -41.45
CA GLN D 234 -58.35 -23.91 -41.95
C GLN D 234 -59.16 -24.42 -40.78
N GLU D 235 -58.51 -25.24 -39.96
CA GLU D 235 -59.12 -25.87 -38.79
C GLU D 235 -59.94 -24.88 -37.97
N LEU D 236 -59.50 -23.61 -37.99
CA LEU D 236 -60.21 -22.54 -37.29
C LEU D 236 -61.46 -22.08 -38.03
N ASN D 237 -61.30 -21.61 -39.26
CA ASN D 237 -62.43 -21.15 -40.06
C ASN D 237 -63.54 -22.17 -40.08
N GLU D 238 -63.14 -23.44 -39.96
CA GLU D 238 -64.07 -24.55 -39.89
C GLU D 238 -64.77 -24.62 -38.55
N LYS D 239 -64.23 -23.90 -37.56
CA LYS D 239 -64.84 -23.87 -36.25
C LYS D 239 -65.60 -22.57 -36.08
N GLY D 240 -65.48 -21.68 -37.06
CA GLY D 240 -66.23 -20.44 -37.04
C GLY D 240 -65.44 -19.16 -36.83
N PHE D 241 -64.12 -19.30 -36.67
CA PHE D 241 -63.22 -18.14 -36.55
C PHE D 241 -62.88 -17.56 -37.92
N ARG D 242 -62.16 -16.45 -37.90
CA ARG D 242 -61.55 -15.87 -39.09
C ARG D 242 -60.08 -15.63 -38.77
N ALA D 243 -59.22 -16.46 -39.34
CA ALA D 243 -57.80 -16.42 -39.01
C ALA D 243 -57.20 -15.03 -39.20
N ASP D 244 -56.17 -14.71 -38.43
CA ASP D 244 -55.51 -13.43 -38.57
C ASP D 244 -54.05 -13.68 -38.87
N ASP D 245 -53.42 -14.47 -38.00
CA ASP D 245 -51.99 -14.71 -38.07
C ASP D 245 -51.57 -15.84 -37.13
N ILE D 246 -50.69 -16.72 -37.62
CA ILE D 246 -50.04 -17.70 -36.79
C ILE D 246 -48.54 -17.74 -37.11
N GLN D 247 -47.70 -17.79 -36.08
CA GLN D 247 -46.27 -17.99 -36.31
C GLN D 247 -45.72 -19.08 -35.42
N ILE D 248 -44.70 -19.77 -35.92
CA ILE D 248 -43.98 -20.77 -35.14
C ILE D 248 -42.51 -20.37 -35.11
N ARG D 249 -41.97 -20.20 -33.91
CA ARG D 249 -40.62 -19.68 -33.75
C ARG D 249 -39.77 -20.47 -32.75
N ASP D 250 -38.46 -20.26 -32.85
CA ASP D 250 -37.47 -20.66 -31.85
C ASP D 250 -37.74 -19.81 -30.62
N ALA D 251 -38.07 -20.46 -29.50
CA ALA D 251 -38.44 -19.75 -28.28
C ALA D 251 -37.29 -18.93 -27.66
N ASP D 252 -36.05 -19.36 -27.91
CA ASP D 252 -34.87 -18.67 -27.36
C ASP D 252 -34.35 -17.54 -28.25
N THR D 253 -34.42 -17.72 -29.56
CA THR D 253 -33.88 -16.74 -30.49
C THR D 253 -34.96 -15.83 -31.07
N LEU D 254 -36.20 -16.28 -30.96
CA LEU D 254 -37.36 -15.59 -31.53
C LEU D 254 -37.26 -15.47 -33.05
N LEU D 255 -36.53 -16.39 -33.66
CA LEU D 255 -36.41 -16.38 -35.09
C LEU D 255 -36.95 -17.69 -35.59
N GLU D 256 -36.71 -17.99 -36.87
CA GLU D 256 -37.08 -19.28 -37.42
C GLU D 256 -36.30 -20.36 -36.68
N LEU D 257 -36.82 -21.58 -36.70
CA LEU D 257 -36.13 -22.69 -36.07
C LEU D 257 -34.79 -22.95 -36.75
N THR D 258 -33.99 -23.81 -36.14
CA THR D 258 -32.79 -24.34 -36.73
C THR D 258 -32.83 -25.81 -36.35
N GLU D 259 -31.75 -26.55 -36.58
CA GLU D 259 -31.72 -27.93 -36.14
C GLU D 259 -31.24 -28.01 -34.69
N THR D 260 -30.87 -26.88 -34.12
CA THR D 260 -30.33 -26.85 -32.77
C THR D 260 -31.32 -26.36 -31.73
N SER D 261 -32.27 -25.51 -32.15
CA SER D 261 -33.23 -24.94 -31.20
C SER D 261 -33.86 -26.00 -30.32
N LYS D 262 -34.18 -25.63 -29.08
CA LYS D 262 -34.69 -26.61 -28.11
C LYS D 262 -36.13 -26.35 -27.65
N ARG D 263 -36.47 -25.08 -27.42
N ARG D 263 -36.48 -25.09 -27.43
CA ARG D 263 -37.83 -24.70 -27.10
CA ARG D 263 -37.85 -24.72 -27.08
C ARG D 263 -38.48 -23.96 -28.27
C ARG D 263 -38.51 -23.90 -28.19
N ALA D 264 -39.72 -24.30 -28.59
CA ALA D 264 -40.46 -23.59 -29.64
C ALA D 264 -41.57 -22.69 -29.06
N VAL D 265 -42.04 -21.76 -29.87
CA VAL D 265 -43.09 -20.88 -29.43
C VAL D 265 -44.08 -20.66 -30.56
N ILE D 266 -45.35 -20.88 -30.28
CA ILE D 266 -46.41 -20.73 -31.26
C ILE D 266 -47.19 -19.47 -30.92
N LEU D 267 -47.36 -18.59 -31.90
CA LEU D 267 -48.07 -17.32 -31.69
C LEU D 267 -49.31 -17.24 -32.55
N ALA D 268 -50.48 -17.30 -31.94
CA ALA D 268 -51.69 -17.28 -32.74
C ALA D 268 -52.63 -16.09 -32.48
N ALA D 269 -53.37 -15.72 -33.52
CA ALA D 269 -54.37 -14.65 -33.45
C ALA D 269 -55.53 -14.98 -34.37
N ALA D 270 -56.75 -14.72 -33.94
CA ALA D 270 -57.90 -14.96 -34.81
C ALA D 270 -59.10 -14.14 -34.40
N TRP D 271 -59.93 -13.77 -35.38
CA TRP D 271 -61.14 -13.03 -35.09
C TRP D 271 -62.34 -13.93 -34.78
N LEU D 272 -63.26 -13.41 -33.99
CA LEU D 272 -64.48 -14.11 -33.63
C LEU D 272 -65.57 -13.04 -33.55
N GLY D 273 -66.13 -12.72 -34.71
CA GLY D 273 -67.00 -11.57 -34.80
C GLY D 273 -66.25 -10.29 -34.46
N GLN D 274 -66.68 -9.66 -33.38
CA GLN D 274 -66.12 -8.36 -33.01
C GLN D 274 -64.70 -8.51 -32.50
N ALA D 275 -64.51 -9.35 -31.48
CA ALA D 275 -63.24 -9.44 -30.78
C ALA D 275 -62.19 -10.25 -31.53
N ARG D 276 -60.92 -9.93 -31.28
CA ARG D 276 -59.79 -10.63 -31.86
C ARG D 276 -58.97 -11.27 -30.74
N LEU D 277 -58.89 -12.60 -30.76
CA LEU D 277 -58.25 -13.33 -29.66
C LEU D 277 -56.81 -13.63 -29.97
N ILE D 278 -55.97 -13.62 -28.93
CA ILE D 278 -54.58 -13.98 -29.12
C ILE D 278 -54.16 -15.01 -28.09
N ASP D 279 -53.15 -15.82 -28.45
CA ASP D 279 -52.55 -16.75 -27.50
C ASP D 279 -51.12 -17.12 -27.90
N ASN D 280 -50.45 -17.86 -27.02
CA ASN D 280 -49.20 -18.51 -27.35
C ASN D 280 -48.92 -19.65 -26.42
N GLN D 281 -48.02 -20.55 -26.82
CA GLN D 281 -47.75 -21.78 -26.09
C GLN D 281 -46.32 -22.18 -26.35
N SER D 282 -45.65 -22.74 -25.34
CA SER D 282 -44.26 -23.14 -25.50
C SER D 282 -44.16 -24.65 -25.47
N VAL D 283 -43.21 -25.18 -26.23
CA VAL D 283 -43.02 -26.62 -26.31
C VAL D 283 -41.53 -26.96 -26.45
N THR D 284 -41.11 -28.12 -25.95
CA THR D 284 -39.71 -28.48 -25.95
C THR D 284 -39.45 -29.55 -27.00
N LEU D 285 -38.20 -29.69 -27.44
CA LEU D 285 -37.86 -30.68 -28.46
C LEU D 285 -36.70 -31.59 -28.01
#